data_7PPS
#
_entry.id   7PPS
#
_cell.length_a   74.228
_cell.length_b   102.304
_cell.length_c   188.774
_cell.angle_alpha   90.00
_cell.angle_beta   90.00
_cell.angle_gamma   90.00
#
_symmetry.space_group_name_H-M   'C 2 2 21'
#
loop_
_entity.id
_entity.type
_entity.pdbx_description
1 polymer '3-oxoacyl-[acyl-carrier-protein] synthase 1'
2 non-polymer 1,2-ETHANEDIOL
3 non-polymer 'IODIDE ION'
4 non-polymer 'CHLORIDE ION'
5 water water
#
_entity_poly.entity_id   1
_entity_poly.type   'polypeptide(L)'
_entity_poly.pdbx_seq_one_letter_code
;GHMRRVVITGLGIVSCLGNDKDTVSANLRAGRPGIRFNPSYAEMGLRSHVSGSVDLNLEELIDRKVFRFMGDAAAYAYLA
MEQAIKDSGLTPEQISNPRTGLIAGSGGASTLNQMEAIDTLREKGVKRIGPYRVTRTMGSTVSACLATPFQIKGVNYSIS
SAAATSAHCIGQAMEQIQLGKQDVVFAGGGEEEHWSQSCLFDAMGALSTQYNETPEKASRAYDAKRDGFVIAGGGGMVVV
EELEHALKRGAKIYAEIVGYGATSDGYDMVAPSGEGAIRCMQQALATVDAPIDYLNTHGTSTPVGDVAEIRGVREVFGDK
APAISSTKSLSGHSLGAAGVHEAIYCLLMMEGGFIAGSANIDELDPEVADLPILRETRENAKLDTVMSNSFGFGGTNATL
VLKRWQG
;
_entity_poly.pdbx_strand_id   A,B
#
# COMPACT_ATOMS: atom_id res chain seq x y z
N MET A 3 16.73 -19.59 -8.77
CA MET A 3 16.52 -18.13 -8.61
C MET A 3 17.66 -17.52 -7.78
N ARG A 4 17.85 -16.21 -7.93
CA ARG A 4 18.89 -15.49 -7.17
C ARG A 4 18.63 -15.58 -5.66
N ARG A 5 19.73 -15.65 -4.89
CA ARG A 5 19.62 -15.74 -3.42
C ARG A 5 19.56 -14.33 -2.84
N VAL A 6 18.88 -14.19 -1.71
CA VAL A 6 18.62 -12.85 -1.12
C VAL A 6 19.01 -12.86 0.37
N VAL A 7 19.73 -11.82 0.78
CA VAL A 7 20.20 -11.73 2.18
C VAL A 7 19.84 -10.35 2.73
N ILE A 8 19.96 -10.25 4.04
CA ILE A 8 19.76 -8.97 4.76
C ILE A 8 21.12 -8.48 5.26
N THR A 9 21.46 -7.25 4.92
CA THR A 9 22.83 -6.72 5.10
C THR A 9 22.86 -5.44 5.92
N GLY A 10 21.74 -5.04 6.48
CA GLY A 10 21.70 -3.84 7.32
C GLY A 10 20.32 -3.71 7.94
N LEU A 11 20.25 -3.08 9.09
CA LEU A 11 18.95 -2.88 9.76
C LEU A 11 18.96 -1.59 10.58
N GLY A 12 17.76 -1.10 10.81
CA GLY A 12 17.55 0.08 11.65
C GLY A 12 16.21 0.04 12.27
N ILE A 13 16.04 0.64 13.45
CA ILE A 13 14.81 0.51 14.23
C ILE A 13 14.59 1.71 15.13
N VAL A 14 13.32 2.11 15.18
CA VAL A 14 12.78 3.09 16.13
C VAL A 14 11.58 2.42 16.77
N SER A 15 11.59 2.25 18.10
CA SER A 15 10.55 1.46 18.75
C SER A 15 10.49 1.80 20.22
N CYS A 16 9.45 1.33 20.88
CA CYS A 16 9.38 1.50 22.34
C CYS A 16 10.34 0.55 23.07
N LEU A 17 11.03 -0.35 22.38
CA LEU A 17 12.09 -1.16 22.98
C LEU A 17 13.46 -0.51 22.76
N GLY A 18 13.51 0.62 22.07
CA GLY A 18 14.79 1.26 21.76
C GLY A 18 14.86 1.78 20.36
N ASN A 19 15.77 2.73 20.16
CA ASN A 19 15.95 3.41 18.89
C ASN A 19 17.33 3.11 18.30
N ASP A 20 17.90 1.98 18.70
CA ASP A 20 19.14 1.45 18.12
C ASP A 20 19.17 -0.03 18.42
N LYS A 21 19.90 -0.75 17.61
CA LYS A 21 19.88 -2.21 17.71
C LYS A 21 20.41 -2.72 19.06
N ASP A 22 21.39 -2.06 19.66
CA ASP A 22 21.95 -2.58 20.93
C ASP A 22 20.90 -2.46 22.04
N THR A 23 20.22 -1.33 22.11
CA THR A 23 19.18 -1.14 23.15
C THR A 23 18.06 -2.14 22.96
N VAL A 24 17.61 -2.28 21.72
CA VAL A 24 16.51 -3.24 21.44
C VAL A 24 16.93 -4.65 21.82
N SER A 25 18.11 -5.08 21.38
CA SER A 25 18.60 -6.43 21.70
C SER A 25 18.59 -6.63 23.21
N ALA A 26 19.13 -5.65 23.93
CA ALA A 26 19.23 -5.78 25.38
C ALA A 26 17.84 -5.91 26.03
N ASN A 27 16.87 -5.12 25.58
CA ASN A 27 15.52 -5.20 26.16
C ASN A 27 14.82 -6.52 25.81
N LEU A 28 15.05 -7.02 24.62
CA LEU A 28 14.52 -8.36 24.26
C LEU A 28 15.12 -9.42 25.19
N ARG A 29 16.43 -9.37 25.38
CA ARG A 29 17.13 -10.40 26.18
C ARG A 29 16.71 -10.31 27.65
N ALA A 30 16.55 -9.09 28.16
CA ALA A 30 16.20 -8.89 29.58
C ALA A 30 14.69 -9.05 29.82
N GLY A 31 13.89 -9.01 28.74
CA GLY A 31 12.43 -9.09 28.90
C GLY A 31 11.84 -7.83 29.50
N ARG A 32 12.32 -6.66 29.08
CA ARG A 32 11.80 -5.37 29.61
C ARG A 32 10.76 -4.82 28.64
N PRO A 33 9.47 -4.75 29.03
CA PRO A 33 8.45 -4.17 28.15
C PRO A 33 8.62 -2.66 27.93
N GLY A 34 8.21 -2.19 26.76
CA GLY A 34 8.30 -0.75 26.45
C GLY A 34 6.96 -0.06 26.59
N ILE A 35 5.96 -0.74 27.14
CA ILE A 35 4.60 -0.18 27.29
C ILE A 35 4.54 0.75 28.48
N ARG A 36 3.85 1.86 28.31
CA ARG A 36 3.66 2.84 29.38
CA ARG A 36 3.68 2.89 29.34
C ARG A 36 2.23 3.36 29.41
N PHE A 37 1.89 3.95 30.54
CA PHE A 37 0.64 4.71 30.68
C PHE A 37 0.64 5.90 29.73
N ASN A 38 -0.49 6.14 29.07
CA ASN A 38 -0.66 7.21 28.10
C ASN A 38 -1.73 8.18 28.61
N PRO A 39 -1.32 9.29 29.25
CA PRO A 39 -2.27 10.24 29.78
C PRO A 39 -3.20 10.80 28.71
N SER A 40 -2.69 10.99 27.50
CA SER A 40 -3.55 11.59 26.45
C SER A 40 -4.73 10.67 26.14
N TYR A 41 -4.52 9.36 26.21
CA TYR A 41 -5.61 8.41 25.94
C TYR A 41 -6.69 8.57 27.00
N ALA A 42 -6.27 8.64 28.25
CA ALA A 42 -7.23 8.80 29.36
C ALA A 42 -7.97 10.16 29.21
N GLU A 43 -7.25 11.22 28.88
CA GLU A 43 -7.85 12.56 28.78
C GLU A 43 -8.90 12.58 27.66
N MET A 44 -8.67 11.84 26.59
CA MET A 44 -9.57 11.86 25.41
C MET A 44 -10.69 10.84 25.55
N GLY A 45 -10.78 10.11 26.67
CA GLY A 45 -11.91 9.21 26.92
C GLY A 45 -11.74 7.83 26.34
N LEU A 46 -10.54 7.48 25.92
CA LEU A 46 -10.34 6.06 25.51
C LEU A 46 -10.48 5.18 26.76
N ARG A 47 -10.79 3.91 26.54
CA ARG A 47 -10.82 2.89 27.62
C ARG A 47 -9.45 2.27 27.83
N SER A 48 -8.68 2.13 26.75
CA SER A 48 -7.26 1.70 26.81
C SER A 48 -6.38 2.91 27.11
N HIS A 49 -5.57 2.84 28.18
CA HIS A 49 -4.70 3.97 28.57
C HIS A 49 -3.23 3.57 28.50
N VAL A 50 -2.91 2.63 27.62
CA VAL A 50 -1.54 2.10 27.50
C VAL A 50 -1.12 2.15 26.04
N SER A 51 0.17 2.37 25.84
CA SER A 51 0.71 2.37 24.46
C SER A 51 2.20 2.05 24.48
N GLY A 52 2.68 1.57 23.34
CA GLY A 52 4.11 1.46 23.06
C GLY A 52 4.56 2.65 22.26
N SER A 53 5.01 3.67 22.94
CA SER A 53 5.28 4.98 22.36
C SER A 53 6.79 5.15 22.19
N VAL A 54 7.15 5.82 21.12
CA VAL A 54 8.54 6.20 20.83
C VAL A 54 8.84 7.52 21.52
N ASP A 55 9.98 7.57 22.19
CA ASP A 55 10.37 8.81 22.88
C ASP A 55 11.46 9.53 22.10
N LEU A 56 11.09 10.34 21.10
CA LEU A 56 12.02 11.15 20.28
C LEU A 56 11.47 12.55 19.94
N ASN A 57 12.39 13.50 19.87
CA ASN A 57 12.14 14.86 19.32
C ASN A 57 12.47 14.83 17.83
N LEU A 58 11.49 14.43 17.03
CA LEU A 58 11.78 14.10 15.61
C LEU A 58 12.32 15.33 14.87
N GLU A 59 11.83 16.51 15.24
CA GLU A 59 12.22 17.77 14.57
C GLU A 59 13.73 18.03 14.78
N GLU A 60 14.35 17.50 15.84
CA GLU A 60 15.81 17.72 16.09
C GLU A 60 16.65 16.68 15.36
N LEU A 61 16.02 15.63 14.84
CA LEU A 61 16.75 14.49 14.26
C LEU A 61 16.70 14.46 12.73
N ILE A 62 15.80 15.19 12.09
CA ILE A 62 15.57 15.10 10.62
C ILE A 62 15.72 16.50 10.02
N ASP A 63 16.46 16.58 8.91
CA ASP A 63 16.56 17.82 8.08
C ASP A 63 15.17 18.45 7.90
N ARG A 64 15.02 19.75 8.16
CA ARG A 64 13.68 20.40 8.14
C ARG A 64 13.06 20.32 6.73
N LYS A 65 13.85 20.43 5.68
CA LYS A 65 13.30 20.40 4.31
C LYS A 65 12.63 19.07 4.05
N VAL A 66 13.18 17.99 4.60
CA VAL A 66 12.63 16.62 4.53
C VAL A 66 11.42 16.49 5.47
N PHE A 67 11.59 16.96 6.69
CA PHE A 67 10.63 16.69 7.75
C PHE A 67 9.29 17.37 7.48
N ARG A 68 9.29 18.50 6.79
CA ARG A 68 8.02 19.23 6.51
CA ARG A 68 7.99 19.21 6.60
C ARG A 68 7.00 18.34 5.79
N PHE A 69 7.46 17.40 4.98
CA PHE A 69 6.56 16.54 4.19
C PHE A 69 6.06 15.34 4.95
N MET A 70 6.56 15.11 6.15
CA MET A 70 6.37 13.86 6.91
C MET A 70 5.35 14.00 8.02
N GLY A 71 4.62 12.93 8.25
CA GLY A 71 4.07 12.64 9.59
C GLY A 71 5.00 11.72 10.34
N ASP A 72 4.58 11.32 11.52
CA ASP A 72 5.44 10.48 12.36
C ASP A 72 5.76 9.15 11.68
N ALA A 73 4.82 8.55 10.95
CA ALA A 73 5.11 7.24 10.34
C ALA A 73 6.33 7.34 9.43
N ALA A 74 6.32 8.32 8.53
CA ALA A 74 7.46 8.52 7.63
C ALA A 74 8.71 8.86 8.43
N ALA A 75 8.57 9.71 9.43
CA ALA A 75 9.75 10.14 10.19
C ALA A 75 10.42 8.96 10.89
N TYR A 76 9.63 8.08 11.50
CA TYR A 76 10.20 6.90 12.15
C TYR A 76 10.91 6.02 11.12
N ALA A 77 10.26 5.79 9.98
CA ALA A 77 10.86 4.95 8.95
C ALA A 77 12.15 5.59 8.43
N TYR A 78 12.14 6.91 8.27
CA TYR A 78 13.33 7.62 7.76
C TYR A 78 14.53 7.42 8.71
N LEU A 79 14.30 7.57 10.01
CA LEU A 79 15.39 7.36 10.98
C LEU A 79 15.87 5.92 10.96
N ALA A 80 14.93 4.98 10.84
CA ALA A 80 15.32 3.56 10.70
C ALA A 80 16.15 3.36 9.42
N MET A 81 15.76 3.99 8.32
CA MET A 81 16.52 3.86 7.08
C MET A 81 17.91 4.46 7.20
N GLU A 82 18.06 5.60 7.86
CA GLU A 82 19.39 6.19 8.09
CA GLU A 82 19.39 6.19 8.12
C GLU A 82 20.26 5.18 8.86
N GLN A 83 19.71 4.58 9.90
CA GLN A 83 20.45 3.55 10.65
C GLN A 83 20.86 2.40 9.74
N ALA A 84 19.92 1.92 8.93
CA ALA A 84 20.16 0.74 8.06
C ALA A 84 21.27 1.07 7.06
N ILE A 85 21.22 2.27 6.52
CA ILE A 85 22.28 2.67 5.55
C ILE A 85 23.64 2.64 6.23
N LYS A 86 23.74 3.25 7.41
CA LYS A 86 25.03 3.29 8.16
C LYS A 86 25.47 1.86 8.47
N ASP A 87 24.54 1.04 8.95
CA ASP A 87 24.84 -0.36 9.32
C ASP A 87 25.35 -1.14 8.11
N SER A 88 24.75 -0.92 6.94
CA SER A 88 25.03 -1.69 5.73
C SER A 88 26.37 -1.34 5.10
N GLY A 89 26.82 -0.09 5.27
CA GLY A 89 28.02 0.42 4.59
C GLY A 89 27.85 0.68 3.11
N LEU A 90 26.61 0.73 2.61
CA LEU A 90 26.36 1.07 1.20
C LEU A 90 26.91 2.47 0.91
N THR A 91 27.43 2.65 -0.28
CA THR A 91 27.92 3.95 -0.77
C THR A 91 26.77 4.77 -1.33
N PRO A 92 26.95 6.10 -1.51
CA PRO A 92 25.90 6.91 -2.14
C PRO A 92 25.46 6.38 -3.51
N GLU A 93 26.40 5.90 -4.31
CA GLU A 93 26.06 5.36 -5.64
C GLU A 93 25.34 4.02 -5.55
N GLN A 94 25.53 3.25 -4.49
CA GLN A 94 24.81 1.98 -4.29
C GLN A 94 23.41 2.27 -3.76
N ILE A 95 23.22 3.38 -3.06
CA ILE A 95 21.89 3.79 -2.52
C ILE A 95 21.02 4.37 -3.64
N SER A 96 21.61 5.20 -4.50
CA SER A 96 20.91 6.00 -5.52
C SER A 96 21.31 5.49 -6.90
N ASN A 97 20.54 4.53 -7.39
CA ASN A 97 20.81 3.97 -8.74
C ASN A 97 19.58 3.16 -9.17
N PRO A 98 19.35 3.00 -10.48
CA PRO A 98 18.15 2.28 -10.95
C PRO A 98 17.94 0.85 -10.42
N ARG A 99 18.99 0.22 -9.88
CA ARG A 99 18.86 -1.18 -9.40
C ARG A 99 18.71 -1.22 -7.86
N THR A 100 18.51 -0.06 -7.25
CA THR A 100 18.25 0.01 -5.79
C THR A 100 16.89 0.68 -5.58
N GLY A 101 16.04 -0.01 -4.82
CA GLY A 101 14.65 0.42 -4.65
C GLY A 101 14.25 0.53 -3.20
N LEU A 102 12.99 0.84 -3.02
CA LEU A 102 12.38 1.07 -1.68
C LEU A 102 10.94 0.57 -1.71
N ILE A 103 10.63 -0.30 -0.77
CA ILE A 103 9.26 -0.82 -0.59
C ILE A 103 8.95 -0.73 0.91
N ALA A 104 8.13 0.25 1.28
CA ALA A 104 7.93 0.49 2.72
C ALA A 104 6.58 1.16 2.87
N GLY A 105 5.84 0.77 3.89
CA GLY A 105 4.45 1.20 4.08
C GLY A 105 4.07 1.43 5.52
N SER A 106 2.78 1.60 5.69
CA SER A 106 2.15 1.90 6.99
C SER A 106 0.76 1.29 6.96
N GLY A 107 0.24 1.03 8.16
CA GLY A 107 -1.14 0.56 8.28
C GLY A 107 -2.11 1.70 8.09
N GLY A 108 -2.03 2.69 8.95
CA GLY A 108 -2.64 4.00 8.75
C GLY A 108 -1.64 4.89 8.04
N ALA A 109 -1.80 6.16 8.04
CA ALA A 109 -0.86 7.14 7.45
C ALA A 109 -0.63 8.22 8.50
N SER A 110 -1.47 9.25 8.57
CA SER A 110 -1.38 10.23 9.69
C SER A 110 -2.77 10.72 10.07
N THR A 111 -3.43 10.04 10.99
CA THR A 111 -4.70 10.54 11.50
C THR A 111 -4.49 11.89 12.19
N LEU A 112 -3.33 12.12 12.81
CA LEU A 112 -3.13 13.41 13.50
C LEU A 112 -3.15 14.55 12.47
N ASN A 113 -2.43 14.39 11.36
CA ASN A 113 -2.42 15.47 10.36
C ASN A 113 -3.79 15.63 9.72
N GLN A 114 -4.51 14.55 9.53
CA GLN A 114 -5.88 14.66 8.99
CA GLN A 114 -5.89 14.68 8.99
C GLN A 114 -6.76 15.49 9.95
N MET A 115 -6.70 15.17 11.23
CA MET A 115 -7.51 15.88 12.22
C MET A 115 -7.12 17.37 12.24
N GLU A 116 -5.82 17.66 12.24
CA GLU A 116 -5.36 19.06 12.25
C GLU A 116 -5.87 19.77 10.99
N ALA A 117 -5.81 19.10 9.86
CA ALA A 117 -6.24 19.73 8.59
C ALA A 117 -7.72 20.13 8.66
N ILE A 118 -8.56 19.22 9.13
CA ILE A 118 -10.02 19.48 9.17
C ILE A 118 -10.35 20.52 10.24
N ASP A 119 -9.69 20.45 11.40
CA ASP A 119 -9.88 21.49 12.43
C ASP A 119 -9.54 22.84 11.80
N THR A 120 -8.43 22.89 11.08
CA THR A 120 -7.97 24.13 10.43
C THR A 120 -8.97 24.58 9.37
N LEU A 121 -9.43 23.68 8.51
CA LEU A 121 -10.41 24.06 7.50
C LEU A 121 -11.61 24.72 8.15
N ARG A 122 -12.14 24.10 9.21
CA ARG A 122 -13.37 24.59 9.86
C ARG A 122 -13.16 25.92 10.57
N GLU A 123 -11.99 26.13 11.18
CA GLU A 123 -11.76 27.33 12.00
C GLU A 123 -11.11 28.47 11.23
N LYS A 124 -10.26 28.16 10.27
CA LYS A 124 -9.33 29.14 9.66
C LYS A 124 -9.38 29.16 8.14
N GLY A 125 -10.00 28.16 7.52
CA GLY A 125 -10.08 28.14 6.05
C GLY A 125 -9.11 27.19 5.39
N VAL A 126 -9.27 26.99 4.08
CA VAL A 126 -8.46 25.97 3.35
C VAL A 126 -6.99 26.37 3.19
N LYS A 127 -6.69 27.64 2.92
CA LYS A 127 -5.28 28.02 2.66
C LYS A 127 -4.43 27.71 3.90
N ARG A 128 -4.99 27.91 5.09
CA ARG A 128 -4.21 27.76 6.35
C ARG A 128 -3.84 26.29 6.63
N ILE A 129 -4.47 25.35 5.93
CA ILE A 129 -4.12 23.91 6.09
C ILE A 129 -2.63 23.72 5.74
N GLY A 130 -2.14 24.50 4.79
CA GLY A 130 -0.74 24.39 4.40
C GLY A 130 -0.55 23.40 3.28
N PRO A 131 0.60 23.40 2.62
CA PRO A 131 0.79 22.59 1.41
C PRO A 131 1.42 21.22 1.67
N TYR A 132 1.56 20.81 2.93
CA TYR A 132 2.33 19.57 3.21
C TYR A 132 1.44 18.41 3.69
N ARG A 133 0.14 18.62 3.82
CA ARG A 133 -0.73 17.57 4.44
C ARG A 133 -0.90 16.33 3.55
N VAL A 134 -0.95 16.49 2.23
CA VAL A 134 -1.22 15.29 1.37
C VAL A 134 -0.08 14.28 1.59
N THR A 135 1.17 14.75 1.59
CA THR A 135 2.30 13.79 1.65
C THR A 135 2.38 13.15 3.04
N ARG A 136 1.89 13.85 4.06
CA ARG A 136 1.86 13.29 5.44
C ARG A 136 0.75 12.25 5.61
N THR A 137 -0.36 12.41 4.87
CA THR A 137 -1.59 11.63 5.08
C THR A 137 -1.87 10.60 3.99
N MET A 138 -1.18 10.67 2.85
CA MET A 138 -1.46 9.71 1.76
C MET A 138 -0.96 8.34 2.17
N GLY A 139 -1.55 7.30 1.57
CA GLY A 139 -1.21 5.92 1.94
C GLY A 139 0.23 5.56 1.64
N SER A 140 0.86 6.28 0.75
CA SER A 140 2.27 6.07 0.36
C SER A 140 3.21 7.01 1.13
N THR A 141 2.76 7.62 2.22
CA THR A 141 3.61 8.57 2.96
C THR A 141 4.99 7.99 3.24
N VAL A 142 5.08 6.75 3.71
CA VAL A 142 6.38 6.19 4.13
C VAL A 142 7.31 6.05 2.93
N SER A 143 6.84 5.51 1.81
CA SER A 143 7.74 5.34 0.66
C SER A 143 8.07 6.70 0.03
N ALA A 144 7.07 7.57 -0.14
CA ALA A 144 7.29 8.86 -0.82
C ALA A 144 8.34 9.67 -0.07
N CYS A 145 8.18 9.77 1.25
CA CYS A 145 8.99 10.69 2.08
C CYS A 145 10.41 10.15 2.27
N LEU A 146 10.68 8.91 1.92
CA LEU A 146 12.03 8.31 2.01
C LEU A 146 12.67 8.22 0.64
N ALA A 147 11.92 7.77 -0.37
CA ALA A 147 12.51 7.56 -1.71
C ALA A 147 13.02 8.89 -2.24
N THR A 148 12.30 9.97 -1.94
CA THR A 148 12.64 11.29 -2.46
C THR A 148 13.97 11.76 -1.87
N PRO A 149 14.12 11.93 -0.53
CA PRO A 149 15.37 12.49 -0.01
C PRO A 149 16.59 11.57 -0.16
N PHE A 150 16.41 10.25 -0.13
CA PHE A 150 17.53 9.29 -0.35
C PHE A 150 17.81 9.12 -1.84
N GLN A 151 17.04 9.79 -2.71
CA GLN A 151 17.32 9.78 -4.15
C GLN A 151 17.23 8.34 -4.68
N ILE A 152 16.23 7.61 -4.27
CA ILE A 152 15.97 6.25 -4.76
C ILE A 152 15.52 6.36 -6.21
N LYS A 153 16.09 5.52 -7.06
CA LYS A 153 15.79 5.54 -8.50
C LYS A 153 15.12 4.25 -8.98
N GLY A 154 15.11 3.19 -8.18
CA GLY A 154 14.55 1.90 -8.59
C GLY A 154 13.06 1.84 -8.29
N VAL A 155 12.58 0.72 -7.78
CA VAL A 155 11.16 0.64 -7.41
C VAL A 155 10.91 1.58 -6.24
N ASN A 156 9.67 2.05 -6.14
CA ASN A 156 9.27 2.99 -5.10
C ASN A 156 7.77 2.86 -4.94
N TYR A 157 7.32 2.20 -3.90
CA TYR A 157 5.88 2.03 -3.61
CA TYR A 157 5.88 2.18 -3.56
C TYR A 157 5.72 1.63 -2.15
N SER A 158 4.49 1.77 -1.71
CA SER A 158 4.12 1.27 -0.37
C SER A 158 3.16 0.09 -0.48
N ILE A 159 3.34 -0.89 0.39
CA ILE A 159 2.31 -1.94 0.52
C ILE A 159 1.51 -1.56 1.76
N SER A 160 0.20 -1.75 1.75
CA SER A 160 -0.60 -1.60 2.99
C SER A 160 -1.36 -2.91 3.11
N SER A 161 -1.20 -3.58 4.24
CA SER A 161 -1.85 -4.87 4.50
C SER A 161 -2.00 -5.02 6.00
N ALA A 162 -2.37 -3.92 6.67
CA ALA A 162 -2.66 -3.93 8.11
C ALA A 162 -1.45 -4.51 8.83
N ALA A 163 -1.60 -5.40 9.79
CA ALA A 163 -0.43 -5.90 10.53
C ALA A 163 0.56 -6.69 9.69
N ALA A 164 0.23 -7.11 8.48
CA ALA A 164 1.17 -7.80 7.58
C ALA A 164 2.06 -6.84 6.78
N THR A 165 1.75 -5.55 6.82
CA THR A 165 2.32 -4.55 5.88
C THR A 165 3.81 -4.77 5.64
N SER A 166 4.61 -4.60 6.67
CA SER A 166 6.06 -4.50 6.47
C SER A 166 6.70 -5.88 6.28
N ALA A 167 5.99 -6.95 6.62
CA ALA A 167 6.42 -8.30 6.25
C ALA A 167 6.23 -8.53 4.74
N HIS A 168 5.08 -8.14 4.20
CA HIS A 168 4.89 -8.14 2.74
C HIS A 168 5.94 -7.26 2.08
N CYS A 169 6.30 -6.11 2.66
CA CYS A 169 7.32 -5.27 2.04
C CYS A 169 8.64 -6.04 1.87
N ILE A 170 9.05 -6.73 2.94
CA ILE A 170 10.31 -7.52 2.89
C ILE A 170 10.19 -8.63 1.85
N GLY A 171 9.08 -9.36 1.84
CA GLY A 171 8.93 -10.45 0.87
C GLY A 171 8.91 -9.93 -0.55
N GLN A 172 8.25 -8.80 -0.79
CA GLN A 172 8.20 -8.23 -2.14
C GLN A 172 9.57 -7.70 -2.55
N ALA A 173 10.36 -7.19 -1.60
CA ALA A 173 11.74 -6.79 -1.89
C ALA A 173 12.52 -8.01 -2.40
N MET A 174 12.40 -9.13 -1.68
CA MET A 174 12.99 -10.40 -2.13
C MET A 174 12.52 -10.76 -3.55
N GLU A 175 11.23 -10.64 -3.80
CA GLU A 175 10.66 -11.04 -5.12
C GLU A 175 11.18 -10.11 -6.24
N GLN A 176 11.35 -8.81 -5.97
CA GLN A 176 11.85 -7.89 -7.00
C GLN A 176 13.27 -8.31 -7.37
N ILE A 177 14.07 -8.73 -6.39
CA ILE A 177 15.43 -9.22 -6.66
C ILE A 177 15.34 -10.54 -7.44
N GLN A 178 14.45 -11.44 -7.06
CA GLN A 178 14.35 -12.75 -7.73
C GLN A 178 13.87 -12.56 -9.17
N LEU A 179 13.04 -11.57 -9.46
CA LEU A 179 12.61 -11.24 -10.84
C LEU A 179 13.75 -10.68 -11.69
N GLY A 180 14.86 -10.30 -11.07
CA GLY A 180 16.02 -9.75 -11.77
C GLY A 180 15.95 -8.24 -11.94
N LYS A 181 14.99 -7.59 -11.28
CA LYS A 181 14.70 -6.16 -11.53
C LYS A 181 15.57 -5.27 -10.64
N GLN A 182 15.97 -5.74 -9.48
CA GLN A 182 16.69 -4.91 -8.49
C GLN A 182 17.80 -5.78 -7.90
N ASP A 183 18.85 -5.12 -7.41
CA ASP A 183 19.94 -5.78 -6.63
C ASP A 183 19.85 -5.48 -5.14
N VAL A 184 19.29 -4.33 -4.79
CA VAL A 184 19.18 -3.85 -3.38
C VAL A 184 17.81 -3.25 -3.25
N VAL A 185 17.11 -3.58 -2.17
CA VAL A 185 15.81 -2.94 -1.86
C VAL A 185 15.78 -2.68 -0.37
N PHE A 186 15.52 -1.43 -0.03
CA PHE A 186 15.18 -1.05 1.36
C PHE A 186 13.74 -1.44 1.63
N ALA A 187 13.51 -2.21 2.68
CA ALA A 187 12.17 -2.70 2.96
C ALA A 187 11.83 -2.45 4.42
N GLY A 188 10.60 -2.03 4.67
CA GLY A 188 10.20 -1.77 6.05
C GLY A 188 8.91 -1.06 6.16
N GLY A 189 8.79 -0.24 7.18
CA GLY A 189 7.52 0.44 7.45
C GLY A 189 7.64 1.39 8.60
N GLY A 190 6.57 2.15 8.77
CA GLY A 190 6.43 3.07 9.89
C GLY A 190 4.99 3.16 10.31
N GLU A 191 4.75 3.63 11.53
CA GLU A 191 3.39 3.80 12.06
C GLU A 191 3.38 4.91 13.10
N GLU A 192 2.51 5.88 12.87
CA GLU A 192 2.23 6.90 13.89
C GLU A 192 1.44 6.26 15.02
N GLU A 193 1.69 6.74 16.22
CA GLU A 193 0.91 6.37 17.42
C GLU A 193 0.32 7.63 17.99
N HIS A 194 -0.99 7.71 17.99
CA HIS A 194 -1.71 8.91 18.48
C HIS A 194 -3.12 8.50 18.81
N TRP A 195 -3.76 9.20 19.74
CA TRP A 195 -5.14 8.84 20.15
C TRP A 195 -6.14 8.91 18.97
N SER A 196 -5.85 9.75 17.96
CA SER A 196 -6.76 9.90 16.79
C SER A 196 -6.82 8.60 15.97
N GLN A 197 -5.81 7.74 16.09
CA GLN A 197 -5.86 6.41 15.44
C GLN A 197 -6.27 5.36 16.47
N SER A 198 -5.72 5.45 17.69
CA SER A 198 -5.98 4.41 18.72
C SER A 198 -7.47 4.34 19.09
N CYS A 199 -8.16 5.48 19.04
CA CYS A 199 -9.59 5.47 19.38
C CYS A 199 -10.38 4.55 18.45
N LEU A 200 -9.93 4.43 17.18
CA LEU A 200 -10.68 3.57 16.24
C LEU A 200 -10.57 2.10 16.67
N PHE A 201 -9.40 1.72 17.10
CA PHE A 201 -9.17 0.34 17.61
C PHE A 201 -9.89 0.14 18.95
N ASP A 202 -9.87 1.15 19.81
CA ASP A 202 -10.60 1.07 21.09
C ASP A 202 -12.07 0.78 20.80
N ALA A 203 -12.65 1.54 19.88
CA ALA A 203 -14.08 1.44 19.56
C ALA A 203 -14.45 0.07 18.96
N MET A 204 -13.53 -0.62 18.31
CA MET A 204 -13.88 -1.93 17.75
C MET A 204 -13.63 -3.03 18.78
N GLY A 205 -13.18 -2.68 19.99
CA GLY A 205 -13.02 -3.64 21.08
C GLY A 205 -11.74 -4.43 20.98
N ALA A 206 -10.71 -3.86 20.37
CA ALA A 206 -9.45 -4.58 20.07
C ALA A 206 -8.39 -4.41 21.16
N LEU A 207 -8.50 -3.39 22.03
CA LEU A 207 -7.37 -2.96 22.85
C LEU A 207 -7.49 -3.45 24.29
N SER A 208 -6.34 -3.61 24.93
CA SER A 208 -6.27 -3.90 26.37
C SER A 208 -6.79 -2.72 27.21
N THR A 209 -7.57 -3.03 28.23
CA THR A 209 -8.10 -2.00 29.15
C THR A 209 -7.94 -2.37 30.63
N GLN A 210 -7.67 -3.60 30.99
CA GLN A 210 -7.77 -4.05 32.40
C GLN A 210 -6.46 -3.84 33.15
N TYR A 211 -5.40 -3.39 32.48
CA TYR A 211 -4.04 -3.25 33.03
C TYR A 211 -3.56 -1.82 32.96
N ASN A 212 -4.47 -0.86 32.90
CA ASN A 212 -4.06 0.55 32.77
C ASN A 212 -3.22 0.99 33.98
N GLU A 213 -3.46 0.42 35.16
CA GLU A 213 -2.70 0.79 36.37
C GLU A 213 -1.33 0.10 36.40
N THR A 214 -1.13 -0.94 35.59
CA THR A 214 0.15 -1.71 35.55
C THR A 214 0.55 -1.88 34.10
N PRO A 215 0.92 -0.79 33.40
CA PRO A 215 1.01 -0.85 31.95
C PRO A 215 1.98 -1.89 31.43
N GLU A 216 3.09 -2.11 32.13
CA GLU A 216 4.12 -3.06 31.64
C GLU A 216 3.57 -4.48 31.55
N LYS A 217 2.45 -4.76 32.24
CA LYS A 217 1.84 -6.09 32.27
C LYS A 217 0.73 -6.25 31.24
N ALA A 218 0.38 -5.20 30.51
CA ALA A 218 -0.87 -5.18 29.73
C ALA A 218 -0.82 -6.15 28.54
N SER A 219 0.32 -6.24 27.86
CA SER A 219 0.45 -7.09 26.67
C SER A 219 1.01 -8.42 27.12
N ARG A 220 0.20 -9.47 26.96
CA ARG A 220 0.52 -10.76 27.60
C ARG A 220 -0.01 -11.91 26.74
N ALA A 221 0.54 -12.03 25.54
CA ALA A 221 0.13 -13.10 24.63
C ALA A 221 0.16 -14.46 25.35
N TYR A 222 -0.88 -15.28 25.13
CA TYR A 222 -0.97 -16.66 25.70
C TYR A 222 -1.33 -16.66 27.20
N ASP A 223 -1.40 -15.50 27.83
CA ASP A 223 -1.84 -15.48 29.24
C ASP A 223 -3.36 -15.63 29.30
N ALA A 224 -3.86 -16.34 30.31
CA ALA A 224 -5.30 -16.56 30.46
C ALA A 224 -6.09 -15.26 30.65
N LYS A 225 -5.44 -14.20 31.13
CA LYS A 225 -6.11 -12.91 31.46
C LYS A 225 -5.85 -11.87 30.37
N ARG A 226 -5.31 -12.25 29.21
CA ARG A 226 -5.14 -11.30 28.10
C ARG A 226 -6.48 -10.68 27.74
N ASP A 227 -6.43 -9.44 27.31
CA ASP A 227 -7.70 -8.71 27.07
C ASP A 227 -7.59 -7.72 25.90
N GLY A 228 -6.76 -8.07 24.92
CA GLY A 228 -6.64 -7.22 23.72
C GLY A 228 -5.23 -6.72 23.53
N PHE A 229 -4.95 -6.16 22.36
CA PHE A 229 -3.56 -5.74 22.08
C PHE A 229 -3.26 -4.34 22.63
N VAL A 230 -1.96 -4.06 22.72
CA VAL A 230 -1.52 -2.71 23.15
C VAL A 230 -0.93 -2.05 21.91
N ILE A 231 -1.55 -0.95 21.51
CA ILE A 231 -1.12 -0.27 20.28
C ILE A 231 0.25 0.39 20.48
N ALA A 232 1.02 0.49 19.41
CA ALA A 232 2.36 1.04 19.43
C ALA A 232 2.64 1.75 18.11
N GLY A 233 3.73 2.53 18.12
CA GLY A 233 4.24 3.19 16.92
C GLY A 233 5.71 2.92 16.73
N GLY A 234 6.25 3.36 15.62
CA GLY A 234 7.65 3.29 15.35
C GLY A 234 7.96 2.97 13.91
N GLY A 235 9.19 2.57 13.64
CA GLY A 235 9.64 2.31 12.28
C GLY A 235 10.72 1.26 12.26
N GLY A 236 10.89 0.66 11.10
CA GLY A 236 11.99 -0.27 10.89
C GLY A 236 12.33 -0.34 9.43
N MET A 237 13.57 -0.67 9.15
CA MET A 237 14.04 -0.84 7.77
CA MET A 237 14.03 -0.83 7.76
C MET A 237 15.14 -1.87 7.74
N VAL A 238 15.11 -2.72 6.73
CA VAL A 238 16.19 -3.66 6.45
C VAL A 238 16.67 -3.45 5.03
N VAL A 239 17.94 -3.77 4.83
CA VAL A 239 18.55 -3.77 3.48
C VAL A 239 18.49 -5.20 2.95
N VAL A 240 17.68 -5.36 1.92
CA VAL A 240 17.48 -6.68 1.25
C VAL A 240 18.37 -6.63 0.00
N GLU A 241 19.19 -7.64 -0.19
CA GLU A 241 20.29 -7.55 -1.17
C GLU A 241 20.54 -8.89 -1.82
N GLU A 242 20.83 -8.84 -3.10
CA GLU A 242 21.18 -10.05 -3.84
C GLU A 242 22.53 -10.57 -3.31
N LEU A 243 22.64 -11.89 -3.17
CA LEU A 243 23.80 -12.50 -2.48
C LEU A 243 25.13 -12.15 -3.16
N GLU A 244 25.25 -12.36 -4.48
CA GLU A 244 26.55 -12.10 -5.14
C GLU A 244 26.94 -10.61 -4.98
N HIS A 245 25.99 -9.69 -5.13
CA HIS A 245 26.24 -8.24 -4.91
C HIS A 245 26.82 -8.04 -3.50
N ALA A 246 26.19 -8.65 -2.51
CA ALA A 246 26.61 -8.52 -1.10
C ALA A 246 28.03 -9.07 -0.93
N LEU A 247 28.29 -10.25 -1.45
CA LEU A 247 29.63 -10.86 -1.24
C LEU A 247 30.69 -10.02 -1.96
N LYS A 248 30.40 -9.53 -3.17
CA LYS A 248 31.40 -8.77 -3.96
C LYS A 248 31.80 -7.47 -3.23
N ARG A 249 30.88 -6.82 -2.51
CA ARG A 249 31.22 -5.51 -1.88
C ARG A 249 31.71 -5.73 -0.45
N GLY A 250 31.78 -6.97 0.02
CA GLY A 250 32.22 -7.25 1.41
C GLY A 250 31.16 -6.82 2.42
N ALA A 251 29.89 -7.05 2.09
CA ALA A 251 28.79 -6.71 3.01
C ALA A 251 28.92 -7.53 4.29
N LYS A 252 28.36 -6.98 5.37
CA LYS A 252 28.00 -7.78 6.55
C LYS A 252 26.69 -8.47 6.20
N ILE A 253 26.55 -9.75 6.53
CA ILE A 253 25.33 -10.49 6.21
C ILE A 253 24.75 -11.06 7.48
N TYR A 254 23.57 -10.59 7.84
CA TYR A 254 22.87 -11.13 9.01
C TYR A 254 22.35 -12.53 8.73
N ALA A 255 21.61 -12.66 7.62
CA ALA A 255 20.77 -13.84 7.38
C ALA A 255 20.39 -13.88 5.90
N GLU A 256 20.06 -15.07 5.46
CA GLU A 256 19.42 -15.28 4.13
C GLU A 256 17.91 -15.33 4.33
N ILE A 257 17.16 -14.75 3.42
CA ILE A 257 15.71 -14.96 3.38
C ILE A 257 15.51 -16.27 2.63
N VAL A 258 15.08 -17.29 3.32
CA VAL A 258 14.94 -18.65 2.73
C VAL A 258 13.48 -19.04 2.51
N GLY A 259 12.51 -18.32 3.03
CA GLY A 259 11.12 -18.60 2.74
C GLY A 259 10.25 -17.39 2.93
N TYR A 260 9.15 -17.35 2.19
CA TYR A 260 8.19 -16.24 2.25
C TYR A 260 6.84 -16.79 1.82
N GLY A 261 5.83 -16.53 2.63
CA GLY A 261 4.45 -16.86 2.29
C GLY A 261 3.57 -15.62 2.37
N ALA A 262 2.59 -15.56 1.49
CA ALA A 262 1.58 -14.50 1.46
C ALA A 262 0.27 -15.11 1.02
N THR A 263 -0.72 -15.16 1.89
CA THR A 263 -2.01 -15.80 1.58
C THR A 263 -3.16 -14.94 2.07
N SER A 264 -4.37 -15.43 1.87
CA SER A 264 -5.60 -14.73 2.26
C SER A 264 -6.52 -15.74 2.92
N ASP A 265 -7.22 -15.33 3.94
CA ASP A 265 -8.20 -16.21 4.62
C ASP A 265 -9.48 -16.32 3.78
N GLY A 266 -9.95 -15.20 3.26
CA GLY A 266 -11.25 -15.17 2.59
C GLY A 266 -12.36 -15.59 3.54
N TYR A 267 -12.35 -15.07 4.75
CA TYR A 267 -13.21 -15.55 5.86
C TYR A 267 -13.82 -14.39 6.66
N ASP A 268 -13.09 -13.80 7.58
CA ASP A 268 -13.62 -12.75 8.50
C ASP A 268 -12.75 -11.50 8.37
N MET A 269 -13.40 -10.36 8.54
CA MET A 269 -12.68 -9.07 8.43
C MET A 269 -11.67 -8.85 9.56
N VAL A 270 -11.89 -9.39 10.74
CA VAL A 270 -11.05 -9.00 11.92
C VAL A 270 -10.38 -10.18 12.61
N ALA A 271 -10.99 -11.37 12.54
CA ALA A 271 -10.49 -12.59 13.18
C ALA A 271 -9.81 -13.47 12.15
N PRO A 272 -8.61 -14.03 12.44
N PRO A 272 -8.78 -14.23 12.54
CA PRO A 272 -8.02 -15.06 11.58
CA PRO A 272 -8.08 -15.14 11.63
C PRO A 272 -8.83 -16.38 11.49
C PRO A 272 -8.96 -16.38 11.46
N SER A 273 -8.84 -17.03 10.31
CA SER A 273 -9.52 -18.31 10.00
C SER A 273 -8.67 -19.50 10.48
N GLY A 274 -7.37 -19.28 10.70
CA GLY A 274 -6.39 -20.32 11.02
C GLY A 274 -5.95 -21.05 9.75
N GLU A 275 -6.89 -21.34 8.85
CA GLU A 275 -6.63 -22.05 7.58
C GLU A 275 -5.69 -21.23 6.69
N GLY A 276 -5.90 -19.93 6.60
CA GLY A 276 -5.03 -19.12 5.75
C GLY A 276 -3.62 -19.08 6.29
N ALA A 277 -3.51 -19.00 7.60
CA ALA A 277 -2.20 -18.99 8.30
C ALA A 277 -1.48 -20.31 8.03
N ILE A 278 -2.20 -21.42 8.09
CA ILE A 278 -1.57 -22.74 7.81
C ILE A 278 -0.95 -22.70 6.42
N ARG A 279 -1.72 -22.28 5.43
CA ARG A 279 -1.21 -22.22 4.05
C ARG A 279 -0.05 -21.23 3.93
N CYS A 280 -0.10 -20.12 4.63
CA CYS A 280 0.96 -19.12 4.58
C CYS A 280 2.28 -19.70 5.14
N MET A 281 2.21 -20.34 6.30
CA MET A 281 3.39 -20.97 6.87
C MET A 281 3.90 -22.08 5.95
N GLN A 282 3.02 -22.89 5.38
CA GLN A 282 3.46 -23.96 4.49
C GLN A 282 4.13 -23.40 3.23
N GLN A 283 3.61 -22.31 2.69
CA GLN A 283 4.24 -21.69 1.52
C GLN A 283 5.64 -21.19 1.88
N ALA A 284 5.77 -20.58 3.06
CA ALA A 284 7.10 -20.10 3.49
C ALA A 284 8.06 -21.29 3.67
N LEU A 285 7.57 -22.39 4.21
CA LEU A 285 8.41 -23.57 4.53
C LEU A 285 8.71 -24.41 3.28
N ALA A 286 8.00 -24.21 2.18
CA ALA A 286 8.13 -25.06 0.98
C ALA A 286 9.56 -24.97 0.42
N THR A 287 10.27 -23.86 0.69
CA THR A 287 11.62 -23.59 0.16
C THR A 287 12.67 -23.78 1.24
N VAL A 288 12.31 -24.33 2.40
CA VAL A 288 13.19 -24.42 3.58
C VAL A 288 13.48 -25.91 3.87
N ASP A 289 14.75 -26.25 3.90
CA ASP A 289 15.21 -27.63 4.24
C ASP A 289 15.59 -27.75 5.73
N ALA A 290 16.02 -26.67 6.37
CA ALA A 290 16.48 -26.71 7.77
C ALA A 290 15.28 -26.74 8.71
N PRO A 291 15.42 -27.38 9.88
CA PRO A 291 14.40 -27.29 10.91
C PRO A 291 14.25 -25.86 11.42
N ILE A 292 13.03 -25.49 11.76
CA ILE A 292 12.77 -24.17 12.36
C ILE A 292 13.14 -24.22 13.84
N ASP A 293 14.01 -23.32 14.28
CA ASP A 293 14.43 -23.27 15.70
C ASP A 293 13.46 -22.42 16.54
N TYR A 294 12.87 -21.40 15.93
CA TYR A 294 12.10 -20.38 16.68
C TYR A 294 11.03 -19.81 15.76
N LEU A 295 9.81 -19.66 16.31
CA LEU A 295 8.71 -18.95 15.66
C LEU A 295 8.32 -17.74 16.49
N ASN A 296 8.45 -16.57 15.90
CA ASN A 296 7.94 -15.28 16.41
C ASN A 296 6.53 -15.14 15.88
N THR A 297 5.55 -15.41 16.71
CA THR A 297 4.15 -15.41 16.28
C THR A 297 3.66 -14.00 15.99
N HIS A 298 2.51 -13.93 15.38
CA HIS A 298 1.74 -12.67 15.30
C HIS A 298 1.29 -12.26 16.71
N GLY A 299 0.69 -13.19 17.44
CA GLY A 299 0.57 -13.16 18.92
C GLY A 299 0.28 -11.80 19.51
N THR A 300 -0.89 -11.24 19.26
CA THR A 300 -1.18 -9.86 19.66
C THR A 300 -1.71 -9.71 21.10
N SER A 301 -1.95 -10.78 21.83
CA SER A 301 -2.56 -10.70 23.18
C SER A 301 -4.09 -10.54 23.10
N THR A 302 -4.69 -11.18 22.10
CA THR A 302 -6.16 -11.19 21.92
C THR A 302 -6.66 -12.57 22.29
N PRO A 303 -7.84 -12.66 22.91
CA PRO A 303 -8.40 -13.98 23.27
C PRO A 303 -8.46 -14.96 22.08
N VAL A 304 -9.16 -14.58 21.01
CA VAL A 304 -9.37 -15.51 19.87
C VAL A 304 -8.09 -15.63 19.02
N GLY A 305 -7.48 -14.49 18.69
CA GLY A 305 -6.38 -14.54 17.72
C GLY A 305 -5.21 -15.36 18.22
N ASP A 306 -4.85 -15.25 19.50
CA ASP A 306 -3.63 -15.95 19.95
C ASP A 306 -3.84 -17.45 19.75
N VAL A 307 -5.03 -17.96 20.09
CA VAL A 307 -5.31 -19.41 20.04
C VAL A 307 -5.45 -19.85 18.59
N ALA A 308 -6.14 -19.08 17.76
CA ALA A 308 -6.37 -19.48 16.35
C ALA A 308 -5.03 -19.71 15.67
N GLU A 309 -4.10 -18.79 15.86
CA GLU A 309 -2.77 -18.95 15.27
C GLU A 309 -2.08 -20.19 15.81
N ILE A 310 -2.10 -20.41 17.12
CA ILE A 310 -1.49 -21.63 17.70
C ILE A 310 -2.11 -22.90 17.12
N ARG A 311 -3.43 -22.92 16.88
CA ARG A 311 -4.05 -24.11 16.26
C ARG A 311 -3.40 -24.33 14.90
N GLY A 312 -3.20 -23.26 14.15
CA GLY A 312 -2.52 -23.37 12.84
C GLY A 312 -1.09 -23.87 12.97
N VAL A 313 -0.34 -23.37 13.96
CA VAL A 313 1.03 -23.84 14.18
C VAL A 313 1.01 -25.35 14.45
N ARG A 314 0.09 -25.81 15.29
CA ARG A 314 -0.03 -27.25 15.61
C ARG A 314 -0.27 -28.06 14.33
N GLU A 315 -1.13 -27.57 13.43
CA GLU A 315 -1.43 -28.28 12.16
C GLU A 315 -0.17 -28.33 11.28
N VAL A 316 0.62 -27.26 11.23
CA VAL A 316 1.82 -27.17 10.36
C VAL A 316 2.93 -28.07 10.90
N PHE A 317 3.19 -28.02 12.19
CA PHE A 317 4.38 -28.68 12.77
C PHE A 317 4.04 -29.99 13.49
N GLY A 318 2.78 -30.25 13.78
CA GLY A 318 2.36 -31.42 14.57
C GLY A 318 3.05 -31.43 15.93
N ASP A 319 3.66 -32.56 16.29
CA ASP A 319 4.27 -32.75 17.62
C ASP A 319 5.72 -32.27 17.57
N LYS A 320 6.15 -31.55 16.51
CA LYS A 320 7.56 -31.10 16.32
C LYS A 320 7.59 -29.58 16.16
N ALA A 321 6.90 -28.85 17.01
CA ALA A 321 6.89 -27.39 16.90
C ALA A 321 8.22 -26.79 17.36
N PRO A 322 8.61 -25.61 16.83
CA PRO A 322 9.76 -24.87 17.34
C PRO A 322 9.44 -24.17 18.65
N ALA A 323 10.47 -23.64 19.32
CA ALA A 323 10.22 -22.72 20.43
C ALA A 323 9.40 -21.55 19.89
N ILE A 324 8.46 -21.08 20.67
CA ILE A 324 7.50 -20.04 20.25
C ILE A 324 7.53 -18.89 21.26
N SER A 325 7.52 -17.65 20.79
CA SER A 325 7.19 -16.54 21.67
C SER A 325 6.57 -15.44 20.81
N SER A 326 5.77 -14.62 21.45
CA SER A 326 5.37 -13.33 20.88
C SER A 326 6.17 -12.24 21.55
N THR A 327 6.88 -11.45 20.78
CA THR A 327 7.54 -10.25 21.31
C THR A 327 6.57 -9.08 21.48
N LYS A 328 5.31 -9.23 21.07
CA LYS A 328 4.34 -8.13 21.30
C LYS A 328 4.08 -7.97 22.78
N SER A 329 4.30 -8.99 23.60
CA SER A 329 4.14 -8.82 25.07
C SER A 329 5.13 -7.79 25.60
N LEU A 330 6.25 -7.62 24.92
CA LEU A 330 7.22 -6.56 25.27
C LEU A 330 6.95 -5.27 24.51
N SER A 331 6.70 -5.36 23.22
CA SER A 331 6.75 -4.20 22.31
C SER A 331 5.36 -3.59 22.05
N GLY A 332 4.31 -4.35 22.28
CA GLY A 332 3.01 -3.89 21.80
C GLY A 332 2.89 -4.13 20.31
N HIS A 333 1.84 -3.61 19.70
CA HIS A 333 1.53 -3.88 18.28
C HIS A 333 1.75 -2.62 17.45
N SER A 334 2.82 -2.59 16.67
CA SER A 334 3.16 -1.38 15.86
C SER A 334 2.48 -1.40 14.48
N LEU A 335 1.53 -2.32 14.27
CA LEU A 335 0.64 -2.24 13.09
C LEU A 335 1.49 -2.35 11.83
N GLY A 336 1.55 -1.33 10.99
CA GLY A 336 2.33 -1.39 9.77
C GLY A 336 3.80 -1.63 9.98
N ALA A 337 4.33 -1.29 11.14
CA ALA A 337 5.74 -1.53 11.48
C ALA A 337 5.99 -2.89 12.12
N ALA A 338 4.94 -3.66 12.40
CA ALA A 338 5.13 -4.88 13.19
C ALA A 338 5.97 -5.91 12.46
N GLY A 339 5.76 -6.07 11.15
CA GLY A 339 6.48 -7.12 10.41
C GLY A 339 7.97 -6.88 10.39
N VAL A 340 8.39 -5.65 10.10
CA VAL A 340 9.82 -5.35 10.03
C VAL A 340 10.39 -5.30 11.47
N HIS A 341 9.64 -4.77 12.44
CA HIS A 341 10.13 -4.83 13.83
C HIS A 341 10.45 -6.26 14.22
N GLU A 342 9.51 -7.18 13.93
CA GLU A 342 9.70 -8.58 14.36
C GLU A 342 10.78 -9.27 13.55
N ALA A 343 10.91 -8.95 12.26
CA ALA A 343 12.04 -9.47 11.52
C ALA A 343 13.35 -9.03 12.16
N ILE A 344 13.43 -7.75 12.51
CA ILE A 344 14.62 -7.22 13.18
C ILE A 344 14.84 -7.90 14.54
N TYR A 345 13.78 -8.07 15.33
CA TYR A 345 13.98 -8.76 16.63
C TYR A 345 14.59 -10.14 16.38
N CYS A 346 14.07 -10.85 15.38
CA CYS A 346 14.60 -12.19 15.05
C CYS A 346 16.06 -12.11 14.60
N LEU A 347 16.43 -11.12 13.79
CA LEU A 347 17.83 -10.95 13.39
C LEU A 347 18.70 -10.70 14.60
N LEU A 348 18.23 -9.90 15.54
CA LEU A 348 19.02 -9.58 16.75
C LEU A 348 19.15 -10.81 17.64
N MET A 349 18.11 -11.63 17.74
CA MET A 349 18.19 -12.90 18.49
C MET A 349 19.24 -13.81 17.85
N MET A 350 19.26 -13.92 16.53
CA MET A 350 20.25 -14.78 15.87
C MET A 350 21.66 -14.22 16.06
N GLU A 351 21.82 -12.92 15.88
CA GLU A 351 23.18 -12.30 16.16
CA GLU A 351 23.16 -12.31 16.16
C GLU A 351 23.71 -12.44 17.62
N GLY A 352 22.74 -12.38 18.54
CA GLY A 352 23.09 -12.44 19.95
C GLY A 352 23.09 -13.83 20.55
N GLY A 353 22.58 -14.83 19.84
CA GLY A 353 22.50 -16.20 20.35
C GLY A 353 21.56 -16.32 21.55
N PHE A 354 20.37 -15.74 21.45
CA PHE A 354 19.36 -15.90 22.51
C PHE A 354 17.98 -15.87 21.85
N ILE A 355 17.00 -16.44 22.57
CA ILE A 355 15.59 -16.35 22.14
C ILE A 355 14.84 -15.55 23.20
N ALA A 356 14.19 -14.49 22.76
CA ALA A 356 13.34 -13.69 23.67
C ALA A 356 12.17 -14.54 24.17
N GLY A 357 11.89 -14.48 25.47
CA GLY A 357 10.75 -15.14 26.05
C GLY A 357 9.45 -14.40 25.78
N SER A 358 8.35 -15.13 25.90
CA SER A 358 6.98 -14.61 25.78
C SER A 358 6.60 -14.06 27.15
N ALA A 359 6.62 -12.74 27.30
CA ALA A 359 6.51 -12.09 28.61
C ALA A 359 5.09 -12.11 29.16
N ASN A 360 5.00 -11.87 30.47
CA ASN A 360 3.75 -11.56 31.18
C ASN A 360 2.80 -12.76 31.21
N ILE A 361 3.32 -13.97 31.20
CA ILE A 361 2.45 -15.15 31.34
C ILE A 361 2.47 -15.60 32.80
N ASP A 362 1.42 -15.22 33.51
CA ASP A 362 1.17 -15.66 34.90
C ASP A 362 0.50 -17.05 34.90
N GLU A 363 -0.41 -17.27 33.96
CA GLU A 363 -1.26 -18.47 33.83
C GLU A 363 -1.35 -18.77 32.34
N LEU A 364 -0.60 -19.76 31.88
CA LEU A 364 -0.63 -20.11 30.44
C LEU A 364 -2.02 -20.60 30.08
N ASP A 365 -2.55 -20.11 28.97
CA ASP A 365 -3.88 -20.57 28.50
C ASP A 365 -3.79 -22.07 28.23
N PRO A 366 -4.68 -22.88 28.82
CA PRO A 366 -4.65 -24.31 28.56
C PRO A 366 -4.80 -24.66 27.07
N GLU A 367 -5.43 -23.81 26.27
CA GLU A 367 -5.67 -24.13 24.84
C GLU A 367 -4.37 -24.08 24.05
N VAL A 368 -3.28 -23.55 24.59
CA VAL A 368 -1.97 -23.47 23.88
C VAL A 368 -0.87 -24.22 24.64
N ALA A 369 -1.18 -24.87 25.76
CA ALA A 369 -0.15 -25.37 26.71
C ALA A 369 0.60 -26.59 26.17
N ASP A 370 0.11 -27.24 25.10
CA ASP A 370 0.81 -28.38 24.46
C ASP A 370 1.94 -27.89 23.54
N LEU A 371 1.99 -26.60 23.21
CA LEU A 371 3.05 -26.07 22.33
C LEU A 371 4.22 -25.58 23.18
N PRO A 372 5.43 -25.54 22.61
CA PRO A 372 6.59 -25.06 23.35
C PRO A 372 6.66 -23.52 23.42
N ILE A 373 5.73 -22.95 24.17
CA ILE A 373 5.69 -21.49 24.42
C ILE A 373 6.80 -21.16 25.43
N LEU A 374 7.81 -20.44 24.95
CA LEU A 374 8.97 -20.08 25.78
C LEU A 374 8.60 -18.88 26.66
N ARG A 375 8.71 -19.01 27.98
CA ARG A 375 8.19 -17.99 28.92
C ARG A 375 9.30 -17.16 29.52
N GLU A 376 10.56 -17.48 29.24
CA GLU A 376 11.77 -16.78 29.75
CA GLU A 376 11.67 -16.60 29.63
C GLU A 376 12.78 -16.75 28.60
N THR A 377 13.74 -15.84 28.63
CA THR A 377 14.81 -15.84 27.62
C THR A 377 15.51 -17.20 27.62
N ARG A 378 15.75 -17.74 26.43
CA ARG A 378 16.69 -18.87 26.30
C ARG A 378 18.05 -18.28 25.96
N GLU A 379 18.93 -18.34 26.94
CA GLU A 379 20.30 -17.86 26.71
C GLU A 379 21.13 -18.95 26.02
N ASN A 380 22.23 -18.56 25.42
CA ASN A 380 23.17 -19.52 24.80
C ASN A 380 22.42 -20.42 23.83
N ALA A 381 21.59 -19.81 22.99
CA ALA A 381 20.74 -20.52 22.02
C ALA A 381 21.50 -20.68 20.71
N LYS A 382 21.51 -21.88 20.18
CA LYS A 382 22.11 -22.11 18.84
C LYS A 382 21.05 -21.85 17.78
N LEU A 383 20.77 -20.60 17.54
CA LEU A 383 19.58 -20.14 16.83
C LEU A 383 19.98 -19.87 15.38
N ASP A 384 19.59 -20.78 14.49
CA ASP A 384 20.02 -20.71 13.08
C ASP A 384 18.88 -20.38 12.12
N THR A 385 17.68 -20.88 12.35
CA THR A 385 16.57 -20.71 11.39
C THR A 385 15.34 -20.26 12.14
N VAL A 386 14.88 -19.09 11.75
CA VAL A 386 13.75 -18.47 12.48
C VAL A 386 12.60 -18.14 11.52
N MET A 387 11.42 -18.26 12.04
CA MET A 387 10.20 -17.88 11.27
CA MET A 387 10.19 -17.88 11.27
C MET A 387 9.40 -16.76 12.04
N SER A 388 8.86 -15.84 11.24
CA SER A 388 7.98 -14.82 11.86
C SER A 388 6.65 -14.72 11.11
N ASN A 389 5.57 -14.71 11.86
CA ASN A 389 4.23 -14.53 11.26
C ASN A 389 3.74 -13.10 11.45
N SER A 390 2.98 -12.58 10.49
CA SER A 390 2.36 -11.25 10.55
C SER A 390 1.00 -11.37 9.88
N PHE A 391 -0.08 -11.24 10.64
CA PHE A 391 -1.43 -11.49 10.07
C PHE A 391 -2.30 -10.25 10.30
N GLY A 392 -2.88 -9.69 9.24
CA GLY A 392 -3.64 -8.45 9.41
C GLY A 392 -5.13 -8.57 9.17
N PHE A 393 -5.86 -7.54 9.57
CA PHE A 393 -7.32 -7.47 9.28
C PHE A 393 -7.52 -7.67 7.78
N GLY A 394 -8.70 -8.15 7.40
CA GLY A 394 -8.95 -8.47 5.98
C GLY A 394 -8.42 -9.84 5.63
N GLY A 395 -7.98 -10.61 6.64
CA GLY A 395 -7.48 -11.99 6.42
C GLY A 395 -6.21 -12.03 5.58
N THR A 396 -5.33 -11.06 5.77
CA THR A 396 -4.06 -11.01 4.99
C THR A 396 -2.96 -11.64 5.84
N ASN A 397 -2.20 -12.55 5.24
CA ASN A 397 -1.18 -13.30 6.01
C ASN A 397 0.19 -13.16 5.38
N ALA A 398 1.21 -13.01 6.21
CA ALA A 398 2.59 -13.02 5.73
C ALA A 398 3.43 -13.87 6.68
N THR A 399 4.38 -14.62 6.13
CA THR A 399 5.31 -15.41 6.95
C THR A 399 6.69 -15.25 6.33
N LEU A 400 7.71 -14.99 7.14
CA LEU A 400 9.09 -14.92 6.64
C LEU A 400 9.93 -15.97 7.34
N VAL A 401 10.86 -16.56 6.61
CA VAL A 401 11.82 -17.52 7.24
C VAL A 401 13.22 -17.00 6.95
N LEU A 402 14.00 -16.80 8.02
CA LEU A 402 15.37 -16.25 7.89
C LEU A 402 16.36 -17.28 8.43
N LYS A 403 17.49 -17.41 7.75
CA LYS A 403 18.50 -18.36 8.18
C LYS A 403 19.82 -17.62 8.43
N ARG A 404 20.32 -17.77 9.65
CA ARG A 404 21.55 -17.05 10.07
C ARG A 404 22.71 -17.30 9.11
N TRP A 405 23.42 -16.23 8.80
CA TRP A 405 24.61 -16.37 7.93
C TRP A 405 25.84 -16.55 8.80
N GLN A 406 26.54 -17.66 8.60
CA GLN A 406 27.80 -17.92 9.35
C GLN A 406 29.00 -17.51 8.49
N MET B 3 8.91 -17.52 -19.54
CA MET B 3 8.09 -16.65 -18.65
C MET B 3 6.63 -16.74 -19.07
N ARG B 4 5.74 -16.85 -18.10
CA ARG B 4 4.31 -17.00 -18.43
C ARG B 4 3.77 -15.71 -19.03
N ARG B 5 2.88 -15.86 -19.99
CA ARG B 5 2.21 -14.70 -20.62
C ARG B 5 1.00 -14.31 -19.78
N VAL B 6 0.63 -13.05 -19.85
CA VAL B 6 -0.38 -12.47 -18.97
C VAL B 6 -1.34 -11.65 -19.81
N VAL B 7 -2.63 -11.92 -19.64
CA VAL B 7 -3.71 -11.22 -20.38
C VAL B 7 -4.76 -10.67 -19.41
N ILE B 8 -5.57 -9.80 -19.93
CA ILE B 8 -6.71 -9.23 -19.20
C ILE B 8 -7.99 -9.81 -19.79
N THR B 9 -8.81 -10.39 -18.90
CA THR B 9 -9.94 -11.22 -19.35
C THR B 9 -11.27 -10.73 -18.78
N GLY B 10 -11.27 -9.60 -18.11
CA GLY B 10 -12.49 -9.05 -17.53
C GLY B 10 -12.22 -7.67 -16.97
N LEU B 11 -13.23 -6.83 -16.95
CA LEU B 11 -13.05 -5.49 -16.35
C LEU B 11 -14.36 -5.00 -15.78
N GLY B 12 -14.22 -4.03 -14.87
CA GLY B 12 -15.36 -3.36 -14.25
C GLY B 12 -14.98 -1.96 -13.82
N ILE B 13 -15.95 -1.07 -13.83
CA ILE B 13 -15.61 0.35 -13.57
C ILE B 13 -16.77 1.12 -12.95
N VAL B 14 -16.43 1.95 -11.98
CA VAL B 14 -17.39 2.91 -11.35
C VAL B 14 -16.69 4.26 -11.49
N SER B 15 -17.29 5.19 -12.22
CA SER B 15 -16.59 6.47 -12.51
C SER B 15 -17.58 7.57 -12.86
N CYS B 16 -17.07 8.80 -12.91
CA CYS B 16 -17.93 9.90 -13.35
C CYS B 16 -18.20 9.86 -14.84
N LEU B 17 -17.59 8.94 -15.59
CA LEU B 17 -17.89 8.74 -17.01
C LEU B 17 -18.91 7.61 -17.17
N GLY B 18 -19.32 6.97 -16.09
CA GLY B 18 -20.25 5.85 -16.17
C GLY B 18 -19.87 4.73 -15.23
N ASN B 19 -20.87 3.90 -14.94
CA ASN B 19 -20.77 2.79 -13.98
C ASN B 19 -20.92 1.45 -14.67
N ASP B 20 -20.65 1.43 -15.97
CA ASP B 20 -20.56 0.21 -16.76
C ASP B 20 -19.69 0.54 -17.96
N LYS B 21 -19.07 -0.48 -18.48
CA LYS B 21 -18.09 -0.24 -19.55
C LYS B 21 -18.71 0.35 -20.85
N ASP B 22 -19.96 0.07 -21.14
CA ASP B 22 -20.57 0.59 -22.39
C ASP B 22 -20.81 2.11 -22.27
N THR B 23 -21.35 2.57 -21.16
CA THR B 23 -21.56 4.01 -20.89
C THR B 23 -20.22 4.75 -20.92
N VAL B 24 -19.22 4.17 -20.28
CA VAL B 24 -17.87 4.82 -20.27
C VAL B 24 -17.36 4.95 -21.69
N SER B 25 -17.42 3.86 -22.45
CA SER B 25 -16.88 3.88 -23.83
C SER B 25 -17.59 5.00 -24.62
N ALA B 26 -18.90 5.08 -24.50
CA ALA B 26 -19.66 6.10 -25.23
C ALA B 26 -19.22 7.53 -24.86
N ASN B 27 -18.98 7.78 -23.61
CA ASN B 27 -18.58 9.12 -23.14
C ASN B 27 -17.15 9.46 -23.57
N LEU B 28 -16.26 8.46 -23.58
CA LEU B 28 -14.89 8.64 -24.12
C LEU B 28 -14.96 9.02 -25.59
N ARG B 29 -15.77 8.30 -26.35
CA ARG B 29 -15.84 8.53 -27.80
C ARG B 29 -16.44 9.89 -28.10
N ALA B 30 -17.50 10.25 -27.37
CA ALA B 30 -18.22 11.52 -27.60
C ALA B 30 -17.48 12.71 -27.01
N GLY B 31 -16.54 12.51 -26.10
CA GLY B 31 -15.84 13.61 -25.43
C GLY B 31 -16.73 14.34 -24.44
N ARG B 32 -17.52 13.60 -23.65
CA ARG B 32 -18.43 14.22 -22.67
C ARG B 32 -17.80 14.15 -21.28
N PRO B 33 -17.38 15.29 -20.70
CA PRO B 33 -16.78 15.23 -19.38
C PRO B 33 -17.79 14.83 -18.29
N GLY B 34 -17.26 14.22 -17.23
CA GLY B 34 -18.03 13.84 -16.05
C GLY B 34 -17.91 14.82 -14.90
N ILE B 35 -17.20 15.90 -15.09
CA ILE B 35 -16.92 16.91 -14.05
C ILE B 35 -18.15 17.76 -13.83
N ARG B 36 -18.46 18.03 -12.57
CA ARG B 36 -19.62 18.86 -12.19
C ARG B 36 -19.24 19.80 -11.07
N PHE B 37 -20.07 20.80 -10.90
CA PHE B 37 -20.00 21.70 -9.73
C PHE B 37 -20.29 20.90 -8.47
N ASN B 38 -19.51 21.18 -7.44
CA ASN B 38 -19.64 20.48 -6.14
C ASN B 38 -20.04 21.50 -5.08
N PRO B 39 -21.33 21.60 -4.74
CA PRO B 39 -21.77 22.59 -3.76
C PRO B 39 -21.09 22.43 -2.41
N SER B 40 -20.83 21.20 -2.00
CA SER B 40 -20.19 21.00 -0.69
C SER B 40 -18.82 21.65 -0.67
N TYR B 41 -18.07 21.63 -1.78
CA TYR B 41 -16.72 22.26 -1.80
C TYR B 41 -16.87 23.75 -1.56
N ALA B 42 -17.81 24.36 -2.26
CA ALA B 42 -18.02 25.82 -2.10
C ALA B 42 -18.47 26.13 -0.65
N GLU B 43 -19.35 25.31 -0.10
CA GLU B 43 -19.90 25.56 1.26
C GLU B 43 -18.78 25.46 2.29
N MET B 44 -17.83 24.56 2.08
CA MET B 44 -16.74 24.30 3.05
C MET B 44 -15.54 25.22 2.83
N GLY B 45 -15.61 26.14 1.89
CA GLY B 45 -14.56 27.15 1.72
C GLY B 45 -13.41 26.69 0.85
N LEU B 46 -13.54 25.60 0.09
CA LEU B 46 -12.49 25.26 -0.88
C LEU B 46 -12.49 26.32 -1.98
N ARG B 47 -11.34 26.47 -2.63
CA ARG B 47 -11.22 27.39 -3.79
C ARG B 47 -11.62 26.66 -5.09
N SER B 48 -11.35 25.35 -5.17
CA SER B 48 -11.84 24.51 -6.27
C SER B 48 -13.25 24.03 -5.93
N HIS B 49 -14.19 24.24 -6.87
CA HIS B 49 -15.61 23.86 -6.66
C HIS B 49 -16.04 22.80 -7.64
N VAL B 50 -15.11 22.03 -8.15
CA VAL B 50 -15.41 21.05 -9.21
C VAL B 50 -14.89 19.70 -8.80
N SER B 51 -15.57 18.65 -9.23
CA SER B 51 -15.14 17.26 -8.96
C SER B 51 -15.71 16.32 -9.99
N GLY B 52 -15.05 15.16 -10.11
CA GLY B 52 -15.58 14.00 -10.83
C GLY B 52 -16.15 13.03 -9.83
N SER B 53 -17.45 13.06 -9.64
CA SER B 53 -18.13 12.35 -8.57
C SER B 53 -18.94 11.21 -9.20
N VAL B 54 -19.01 10.11 -8.46
CA VAL B 54 -19.83 8.94 -8.81
C VAL B 54 -21.25 9.14 -8.32
N ASP B 55 -22.19 8.85 -9.20
CA ASP B 55 -23.62 8.94 -8.89
C ASP B 55 -24.22 7.55 -8.72
N LEU B 56 -24.12 7.01 -7.51
CA LEU B 56 -24.67 5.70 -7.10
C LEU B 56 -25.23 5.75 -5.68
N ASN B 57 -26.30 5.00 -5.46
CA ASN B 57 -26.82 4.73 -4.10
C ASN B 57 -26.16 3.45 -3.59
N LEU B 58 -24.98 3.58 -2.99
CA LEU B 58 -24.15 2.39 -2.69
C LEU B 58 -24.90 1.45 -1.75
N GLU B 59 -25.67 1.98 -0.80
CA GLU B 59 -26.34 1.13 0.20
C GLU B 59 -27.43 0.26 -0.48
N GLU B 60 -27.90 0.59 -1.69
CA GLU B 60 -28.89 -0.25 -2.42
C GLU B 60 -28.17 -1.31 -3.24
N LEU B 61 -26.85 -1.19 -3.41
CA LEU B 61 -26.09 -2.06 -4.35
C LEU B 61 -25.22 -3.07 -3.64
N ILE B 62 -24.94 -2.89 -2.37
CA ILE B 62 -24.01 -3.76 -1.62
C ILE B 62 -24.74 -4.23 -0.36
N ASP B 63 -24.75 -5.53 -0.12
CA ASP B 63 -25.39 -6.06 1.12
C ASP B 63 -24.79 -5.33 2.34
N ARG B 64 -25.62 -4.97 3.31
CA ARG B 64 -25.16 -4.21 4.51
C ARG B 64 -24.10 -4.99 5.28
N LYS B 65 -24.17 -6.32 5.30
CA LYS B 65 -23.18 -7.07 6.08
C LYS B 65 -21.78 -6.89 5.52
N VAL B 66 -21.67 -6.64 4.22
CA VAL B 66 -20.39 -6.32 3.54
C VAL B 66 -20.12 -4.82 3.70
N PHE B 67 -21.11 -4.02 3.36
CA PHE B 67 -20.94 -2.56 3.21
C PHE B 67 -20.54 -1.93 4.55
N ARG B 68 -20.98 -2.49 5.67
CA ARG B 68 -20.68 -1.85 6.98
C ARG B 68 -19.19 -1.71 7.21
N PHE B 69 -18.36 -2.57 6.61
CA PHE B 69 -16.90 -2.51 6.82
C PHE B 69 -16.20 -1.50 5.91
N MET B 70 -16.93 -0.98 4.94
CA MET B 70 -16.35 -0.21 3.80
C MET B 70 -16.56 1.30 3.97
N GLY B 71 -15.59 2.03 3.45
CA GLY B 71 -15.82 3.39 2.99
C GLY B 71 -16.10 3.38 1.49
N ASP B 72 -16.26 4.55 0.92
CA ASP B 72 -16.59 4.64 -0.49
C ASP B 72 -15.49 4.02 -1.34
N ALA B 73 -14.22 4.15 -1.00
CA ALA B 73 -13.15 3.60 -1.84
C ALA B 73 -13.36 2.10 -2.04
N ALA B 74 -13.52 1.38 -0.94
CA ALA B 74 -13.74 -0.06 -1.01
C ALA B 74 -15.05 -0.35 -1.72
N ALA B 75 -16.09 0.42 -1.48
CA ALA B 75 -17.39 0.14 -2.10
C ALA B 75 -17.30 0.28 -3.62
N TYR B 76 -16.64 1.31 -4.11
CA TYR B 76 -16.47 1.48 -5.56
C TYR B 76 -15.67 0.33 -6.13
N ALA B 77 -14.60 -0.06 -5.48
CA ALA B 77 -13.77 -1.17 -5.95
C ALA B 77 -14.58 -2.46 -5.95
N TYR B 78 -15.40 -2.67 -4.91
CA TYR B 78 -16.23 -3.88 -4.81
C TYR B 78 -17.17 -3.98 -5.98
N LEU B 79 -17.85 -2.89 -6.30
CA LEU B 79 -18.81 -2.91 -7.43
C LEU B 79 -18.04 -3.13 -8.73
N ALA B 80 -16.88 -2.52 -8.90
CA ALA B 80 -16.04 -2.79 -10.09
C ALA B 80 -15.66 -4.25 -10.13
N MET B 81 -15.32 -4.86 -9.01
CA MET B 81 -14.93 -6.28 -8.99
C MET B 81 -16.14 -7.17 -9.32
N GLU B 82 -17.33 -6.84 -8.82
CA GLU B 82 -18.55 -7.60 -9.19
C GLU B 82 -18.71 -7.58 -10.71
N GLN B 83 -18.55 -6.40 -11.33
CA GLN B 83 -18.66 -6.28 -12.80
C GLN B 83 -17.59 -7.13 -13.47
N ALA B 84 -16.36 -7.08 -12.96
CA ALA B 84 -15.24 -7.79 -13.60
C ALA B 84 -15.46 -9.30 -13.49
N ILE B 85 -16.00 -9.77 -12.37
CA ILE B 85 -16.32 -11.19 -12.23
C ILE B 85 -17.36 -11.60 -13.28
N LYS B 86 -18.44 -10.84 -13.40
CA LYS B 86 -19.48 -11.18 -14.41
C LYS B 86 -18.85 -11.15 -15.81
N ASP B 87 -18.11 -10.09 -16.10
CA ASP B 87 -17.52 -9.88 -17.43
C ASP B 87 -16.57 -11.04 -17.75
N SER B 88 -15.83 -11.52 -16.77
CA SER B 88 -14.81 -12.57 -16.99
C SER B 88 -15.43 -13.94 -17.17
N GLY B 89 -16.57 -14.19 -16.52
CA GLY B 89 -17.17 -15.53 -16.50
C GLY B 89 -16.50 -16.49 -15.56
N LEU B 90 -15.61 -16.04 -14.67
CA LEU B 90 -14.98 -16.95 -13.70
C LEU B 90 -16.03 -17.58 -12.80
N THR B 91 -15.80 -18.84 -12.47
CA THR B 91 -16.69 -19.59 -11.56
C THR B 91 -16.29 -19.36 -10.13
N PRO B 92 -17.18 -19.66 -9.15
CA PRO B 92 -16.81 -19.52 -7.74
C PRO B 92 -15.51 -20.26 -7.35
N GLU B 93 -15.29 -21.45 -7.90
CA GLU B 93 -14.10 -22.27 -7.62
C GLU B 93 -12.85 -21.62 -8.22
N GLN B 94 -12.99 -20.88 -9.31
CA GLN B 94 -11.85 -20.16 -9.90
C GLN B 94 -11.56 -18.85 -9.15
N ILE B 95 -12.59 -18.23 -8.57
CA ILE B 95 -12.44 -16.96 -7.81
C ILE B 95 -11.83 -17.22 -6.44
N SER B 96 -12.25 -18.31 -5.78
CA SER B 96 -11.83 -18.66 -4.41
C SER B 96 -10.92 -19.89 -4.49
N ASN B 97 -9.63 -19.65 -4.55
CA ASN B 97 -8.64 -20.70 -4.84
C ASN B 97 -7.29 -20.19 -4.42
N PRO B 98 -6.38 -21.02 -3.86
CA PRO B 98 -5.06 -20.51 -3.48
C PRO B 98 -4.26 -19.86 -4.62
N ARG B 99 -4.60 -20.18 -5.88
CA ARG B 99 -3.88 -19.59 -7.03
C ARG B 99 -4.57 -18.35 -7.59
N THR B 100 -5.58 -17.83 -6.91
CA THR B 100 -6.29 -16.60 -7.33
C THR B 100 -6.15 -15.57 -6.21
N GLY B 101 -5.67 -14.39 -6.56
CA GLY B 101 -5.36 -13.34 -5.60
C GLY B 101 -6.01 -12.02 -5.93
N LEU B 102 -5.70 -11.04 -5.10
CA LEU B 102 -6.27 -9.68 -5.17
C LEU B 102 -5.18 -8.68 -4.77
N ILE B 103 -4.92 -7.72 -5.64
CA ILE B 103 -3.95 -6.65 -5.38
C ILE B 103 -4.67 -5.36 -5.78
N ALA B 104 -5.12 -4.57 -4.81
CA ALA B 104 -5.95 -3.39 -5.13
C ALA B 104 -5.80 -2.42 -3.98
N GLY B 105 -5.69 -1.15 -4.30
CA GLY B 105 -5.38 -0.12 -3.32
C GLY B 105 -6.11 1.18 -3.55
N SER B 106 -5.66 2.18 -2.81
CA SER B 106 -6.23 3.53 -2.80
C SER B 106 -5.11 4.50 -2.48
N GLY B 107 -5.27 5.76 -2.91
CA GLY B 107 -4.29 6.82 -2.57
C GLY B 107 -4.53 7.23 -1.13
N GLY B 108 -5.74 7.67 -0.84
CA GLY B 108 -6.13 7.90 0.56
C GLY B 108 -6.83 6.63 1.02
N ALA B 109 -7.75 6.72 1.96
CA ALA B 109 -8.54 5.54 2.39
C ALA B 109 -9.94 6.10 2.65
N SER B 110 -10.20 6.62 3.85
CA SER B 110 -11.48 7.31 4.08
C SER B 110 -11.32 8.50 5.03
N THR B 111 -11.00 9.66 4.49
CA THR B 111 -10.95 10.87 5.31
C THR B 111 -12.33 11.15 5.90
N LEU B 112 -13.41 10.81 5.23
CA LEU B 112 -14.75 11.06 5.76
C LEU B 112 -14.96 10.25 7.03
N ASN B 113 -14.63 8.98 7.00
CA ASN B 113 -14.81 8.16 8.22
C ASN B 113 -13.89 8.61 9.35
N GLN B 114 -12.68 9.06 9.03
CA GLN B 114 -11.80 9.60 10.09
CA GLN B 114 -11.78 9.59 10.07
C GLN B 114 -12.44 10.82 10.73
N MET B 115 -12.95 11.73 9.91
CA MET B 115 -13.56 12.96 10.44
C MET B 115 -14.75 12.60 11.32
N GLU B 116 -15.61 11.71 10.86
CA GLU B 116 -16.79 11.30 11.63
C GLU B 116 -16.34 10.68 12.95
N ALA B 117 -15.32 9.85 12.92
CA ALA B 117 -14.85 9.18 14.15
C ALA B 117 -14.38 10.20 15.18
N ILE B 118 -13.58 11.15 14.76
CA ILE B 118 -13.03 12.14 15.72
C ILE B 118 -14.14 13.08 16.20
N ASP B 119 -15.02 13.51 15.31
CA ASP B 119 -16.17 14.33 15.77
C ASP B 119 -16.93 13.54 16.84
N THR B 120 -17.14 12.26 16.61
CA THR B 120 -17.89 11.40 17.55
C THR B 120 -17.12 11.25 18.85
N LEU B 121 -15.83 10.99 18.79
CA LEU B 121 -15.03 10.86 20.03
C LEU B 121 -15.21 12.12 20.86
N ARG B 122 -15.09 13.29 20.24
CA ARG B 122 -15.10 14.56 20.99
C ARG B 122 -16.48 14.83 21.56
N GLU B 123 -17.54 14.53 20.82
CA GLU B 123 -18.90 14.93 21.22
C GLU B 123 -19.59 13.85 22.06
N LYS B 124 -19.36 12.57 21.76
CA LYS B 124 -20.18 11.45 22.26
C LYS B 124 -19.35 10.37 22.96
N GLY B 125 -18.04 10.38 22.82
CA GLY B 125 -17.21 9.36 23.45
C GLY B 125 -16.79 8.24 22.52
N VAL B 126 -15.89 7.43 23.03
CA VAL B 126 -15.19 6.42 22.21
C VAL B 126 -16.13 5.30 21.71
N LYS B 127 -17.03 4.81 22.55
CA LYS B 127 -17.84 3.64 22.10
C LYS B 127 -18.73 4.02 20.91
N ARG B 128 -19.23 5.25 20.87
CA ARG B 128 -20.19 5.65 19.80
C ARG B 128 -19.51 5.77 18.44
N ILE B 129 -18.18 5.73 18.41
CA ILE B 129 -17.44 5.72 17.11
C ILE B 129 -17.91 4.50 16.31
N GLY B 130 -18.24 3.42 17.00
CA GLY B 130 -18.69 2.20 16.30
C GLY B 130 -17.52 1.29 15.98
N PRO B 131 -17.77 0.03 15.62
CA PRO B 131 -16.69 -0.93 15.46
C PRO B 131 -16.17 -1.10 14.05
N TYR B 132 -16.56 -0.24 13.11
CA TYR B 132 -16.25 -0.45 11.69
C TYR B 132 -15.20 0.52 11.17
N ARG B 133 -14.74 1.49 11.98
CA ARG B 133 -13.92 2.57 11.37
C ARG B 133 -12.54 2.11 10.94
N VAL B 134 -11.92 1.15 11.60
CA VAL B 134 -10.56 0.73 11.17
C VAL B 134 -10.62 0.20 9.76
N THR B 135 -11.57 -0.70 9.46
CA THR B 135 -11.52 -1.32 8.13
C THR B 135 -11.85 -0.31 7.03
N ARG B 136 -12.60 0.73 7.35
CA ARG B 136 -12.96 1.79 6.39
C ARG B 136 -11.76 2.72 6.13
N THR B 137 -10.93 2.94 7.15
CA THR B 137 -9.90 4.00 7.13
C THR B 137 -8.48 3.45 6.96
N MET B 138 -8.26 2.17 7.16
CA MET B 138 -6.90 1.62 7.07
C MET B 138 -6.43 1.65 5.62
N GLY B 139 -5.12 1.71 5.42
CA GLY B 139 -4.55 1.83 4.07
C GLY B 139 -4.88 0.66 3.16
N SER B 140 -5.20 -0.48 3.73
CA SER B 140 -5.56 -1.69 2.97
C SER B 140 -7.08 -1.84 2.84
N THR B 141 -7.85 -0.80 3.09
CA THR B 141 -9.33 -0.91 3.03
C THR B 141 -9.79 -1.60 1.74
N VAL B 142 -9.24 -1.20 0.59
CA VAL B 142 -9.75 -1.74 -0.69
C VAL B 142 -9.49 -3.25 -0.79
N SER B 143 -8.31 -3.73 -0.43
CA SER B 143 -8.03 -5.16 -0.54
C SER B 143 -8.77 -5.94 0.55
N ALA B 144 -8.73 -5.46 1.78
CA ALA B 144 -9.33 -6.20 2.89
C ALA B 144 -10.83 -6.39 2.67
N CYS B 145 -11.51 -5.33 2.24
CA CYS B 145 -12.97 -5.34 2.17
C CYS B 145 -13.49 -6.12 0.98
N LEU B 146 -12.62 -6.46 0.02
CA LEU B 146 -12.98 -7.28 -1.15
C LEU B 146 -12.52 -8.72 -0.95
N ALA B 147 -11.31 -8.92 -0.47
CA ALA B 147 -10.76 -10.28 -0.36
C ALA B 147 -11.65 -11.10 0.56
N THR B 148 -12.17 -10.48 1.62
CA THR B 148 -12.96 -11.22 2.60
C THR B 148 -14.26 -11.70 1.99
N PRO B 149 -15.17 -10.83 1.46
CA PRO B 149 -16.45 -11.31 0.97
C PRO B 149 -16.34 -12.18 -0.29
N PHE B 150 -15.35 -11.94 -1.15
CA PHE B 150 -15.16 -12.76 -2.38
C PHE B 150 -14.39 -14.04 -2.06
N GLN B 151 -14.02 -14.25 -0.79
CA GLN B 151 -13.38 -15.51 -0.34
CA GLN B 151 -13.40 -15.51 -0.35
C GLN B 151 -12.07 -15.71 -1.10
N ILE B 152 -11.30 -14.67 -1.25
CA ILE B 152 -9.98 -14.76 -1.90
C ILE B 152 -9.04 -15.54 -0.99
N LYS B 153 -8.27 -16.45 -1.58
CA LYS B 153 -7.36 -17.32 -0.82
C LYS B 153 -5.89 -17.10 -1.17
N GLY B 154 -5.59 -16.45 -2.30
CA GLY B 154 -4.21 -16.25 -2.76
C GLY B 154 -3.61 -14.99 -2.16
N VAL B 155 -2.83 -14.30 -2.93
CA VAL B 155 -2.26 -13.04 -2.42
C VAL B 155 -3.36 -12.05 -2.12
N ASN B 156 -3.14 -11.20 -1.13
CA ASN B 156 -4.14 -10.22 -0.68
C ASN B 156 -3.39 -9.07 -0.06
N TYR B 157 -3.27 -7.97 -0.76
CA TYR B 157 -2.71 -6.74 -0.14
CA TYR B 157 -2.61 -6.77 -0.22
C TYR B 157 -3.00 -5.56 -1.05
N SER B 158 -2.77 -4.36 -0.52
CA SER B 158 -2.93 -3.11 -1.25
C SER B 158 -1.55 -2.57 -1.58
N ILE B 159 -1.50 -1.82 -2.66
CA ILE B 159 -0.30 -1.00 -2.95
C ILE B 159 -0.82 0.43 -2.85
N SER B 160 -0.04 1.34 -2.26
CA SER B 160 -0.38 2.77 -2.28
C SER B 160 0.85 3.46 -2.86
N SER B 161 0.65 4.23 -3.92
CA SER B 161 1.77 4.94 -4.59
C SER B 161 1.16 6.16 -5.29
N ALA B 162 0.25 6.83 -4.59
CA ALA B 162 -0.35 8.08 -5.12
C ALA B 162 -1.00 7.78 -6.48
N ALA B 163 -0.80 8.63 -7.48
CA ALA B 163 -1.48 8.40 -8.77
C ALA B 163 -1.00 7.14 -9.50
N ALA B 164 0.10 6.55 -9.11
CA ALA B 164 0.55 5.30 -9.72
C ALA B 164 -0.14 4.07 -9.12
N THR B 165 -0.87 4.20 -8.03
CA THR B 165 -1.35 3.09 -7.19
C THR B 165 -1.88 1.92 -8.02
N SER B 166 -2.95 2.13 -8.77
CA SER B 166 -3.65 0.98 -9.39
C SER B 166 -2.94 0.51 -10.65
N ALA B 167 -2.04 1.32 -11.21
CA ALA B 167 -1.17 0.84 -12.28
C ALA B 167 -0.12 -0.13 -11.71
N HIS B 168 0.49 0.23 -10.57
CA HIS B 168 1.38 -0.70 -9.89
C HIS B 168 0.62 -1.97 -9.49
N CYS B 169 -0.64 -1.87 -9.08
CA CYS B 169 -1.41 -3.07 -8.75
C CYS B 169 -1.48 -4.02 -9.96
N ILE B 170 -1.78 -3.47 -11.13
CA ILE B 170 -1.87 -4.30 -12.35
C ILE B 170 -0.51 -4.91 -12.65
N GLY B 171 0.56 -4.09 -12.61
CA GLY B 171 1.88 -4.64 -12.94
C GLY B 171 2.32 -5.71 -11.95
N GLN B 172 2.02 -5.52 -10.67
CA GLN B 172 2.40 -6.51 -9.62
CA GLN B 172 2.41 -6.52 -9.65
C GLN B 172 1.56 -7.78 -9.79
N ALA B 173 0.31 -7.65 -10.22
CA ALA B 173 -0.51 -8.83 -10.55
C ALA B 173 0.17 -9.63 -11.67
N MET B 174 0.61 -8.93 -12.71
CA MET B 174 1.39 -9.56 -13.78
C MET B 174 2.63 -10.27 -13.21
N GLU B 175 3.35 -9.60 -12.34
CA GLU B 175 4.60 -10.17 -11.74
C GLU B 175 4.30 -11.41 -10.87
N GLN B 176 3.22 -11.45 -10.14
CA GLN B 176 2.86 -12.65 -9.33
C GLN B 176 2.63 -13.83 -10.27
N ILE B 177 2.01 -13.59 -11.43
CA ILE B 177 1.76 -14.66 -12.40
C ILE B 177 3.11 -15.07 -12.98
N GLN B 178 3.98 -14.10 -13.31
CA GLN B 178 5.30 -14.43 -13.91
C GLN B 178 6.14 -15.24 -12.93
N LEU B 179 6.07 -14.96 -11.62
CA LEU B 179 6.79 -15.72 -10.58
C LEU B 179 6.25 -17.13 -10.43
N GLY B 180 5.11 -17.45 -11.03
CA GLY B 180 4.50 -18.79 -10.97
C GLY B 180 3.61 -18.97 -9.75
N LYS B 181 3.33 -17.88 -9.02
CA LYS B 181 2.69 -17.98 -7.69
C LYS B 181 1.19 -17.94 -7.84
N GLN B 182 0.66 -17.28 -8.87
CA GLN B 182 -0.80 -17.13 -9.05
C GLN B 182 -1.14 -17.40 -10.52
N ASP B 183 -2.38 -17.80 -10.78
CA ASP B 183 -2.94 -17.91 -12.15
C ASP B 183 -3.89 -16.79 -12.50
N VAL B 184 -4.56 -16.22 -11.51
CA VAL B 184 -5.56 -15.16 -11.68
C VAL B 184 -5.32 -14.16 -10.56
N VAL B 185 -5.28 -12.89 -10.89
CA VAL B 185 -5.19 -11.83 -9.88
C VAL B 185 -6.15 -10.72 -10.27
N PHE B 186 -7.05 -10.39 -9.38
CA PHE B 186 -7.89 -9.19 -9.50
C PHE B 186 -7.05 -7.98 -9.15
N ALA B 187 -6.95 -7.01 -10.03
CA ALA B 187 -6.09 -5.85 -9.79
C ALA B 187 -6.85 -4.58 -10.04
N GLY B 188 -6.66 -3.58 -9.19
CA GLY B 188 -7.37 -2.32 -9.39
C GLY B 188 -7.24 -1.42 -8.21
N GLY B 189 -8.28 -0.65 -7.98
CA GLY B 189 -8.23 0.36 -6.95
C GLY B 189 -9.55 1.07 -6.78
N GLY B 190 -9.62 1.85 -5.73
CA GLY B 190 -10.77 2.68 -5.42
C GLY B 190 -10.33 3.96 -4.74
N GLU B 191 -11.17 4.96 -4.81
CA GLU B 191 -10.88 6.26 -4.19
C GLU B 191 -12.17 6.96 -3.82
N GLU B 192 -12.30 7.34 -2.53
CA GLU B 192 -13.39 8.18 -2.06
C GLU B 192 -13.16 9.60 -2.57
N GLU B 193 -14.26 10.29 -2.88
CA GLU B 193 -14.23 11.71 -3.21
C GLU B 193 -15.07 12.43 -2.17
N HIS B 194 -14.42 13.32 -1.42
CA HIS B 194 -15.10 14.07 -0.36
C HIS B 194 -14.29 15.31 -0.05
N TRP B 195 -14.95 16.38 0.39
CA TRP B 195 -14.20 17.63 0.68
C TRP B 195 -13.11 17.42 1.76
N SER B 196 -13.26 16.45 2.65
CA SER B 196 -12.27 16.21 3.69
C SER B 196 -10.94 15.70 3.16
N GLN B 197 -10.93 15.15 1.94
CA GLN B 197 -9.69 14.80 1.21
C GLN B 197 -9.34 15.92 0.23
N SER B 198 -10.32 16.42 -0.51
CA SER B 198 -10.03 17.42 -1.56
C SER B 198 -9.40 18.69 -0.97
N CYS B 199 -9.75 19.04 0.26
CA CYS B 199 -9.20 20.26 0.87
C CYS B 199 -7.67 20.17 0.98
N LEU B 200 -7.13 18.97 1.14
CA LEU B 200 -5.67 18.82 1.30
C LEU B 200 -4.97 19.19 0.01
N PHE B 201 -5.54 18.76 -1.12
CA PHE B 201 -5.01 19.11 -2.44
C PHE B 201 -5.26 20.58 -2.78
N ASP B 202 -6.41 21.09 -2.39
CA ASP B 202 -6.69 22.53 -2.59
C ASP B 202 -5.60 23.36 -1.87
N ALA B 203 -5.29 22.98 -0.63
CA ALA B 203 -4.31 23.74 0.18
C ALA B 203 -2.88 23.67 -0.38
N MET B 204 -2.56 22.68 -1.21
CA MET B 204 -1.20 22.66 -1.83
C MET B 204 -1.20 23.40 -3.17
N GLY B 205 -2.33 23.98 -3.55
CA GLY B 205 -2.43 24.76 -4.81
C GLY B 205 -2.53 23.91 -6.05
N ALA B 206 -2.96 22.67 -5.93
CA ALA B 206 -2.92 21.70 -7.03
C ALA B 206 -4.17 21.73 -7.91
N LEU B 207 -5.28 22.26 -7.42
CA LEU B 207 -6.59 22.04 -8.06
C LEU B 207 -6.98 23.21 -8.93
N SER B 208 -7.80 22.92 -9.93
CA SER B 208 -8.41 23.94 -10.80
C SER B 208 -9.36 24.83 -10.01
N THR B 209 -9.28 26.13 -10.25
CA THR B 209 -10.18 27.09 -9.62
C THR B 209 -10.82 28.08 -10.59
N GLN B 210 -10.31 28.24 -11.81
CA GLN B 210 -10.71 29.35 -12.69
C GLN B 210 -11.95 28.99 -13.51
N TYR B 211 -12.44 27.76 -13.39
CA TYR B 211 -13.54 27.20 -14.21
C TYR B 211 -14.72 26.73 -13.35
N ASN B 212 -14.84 27.26 -12.13
CA ASN B 212 -15.90 26.77 -11.21
C ASN B 212 -17.29 27.06 -11.77
N GLU B 213 -17.45 28.10 -12.57
CA GLU B 213 -18.77 28.44 -13.15
C GLU B 213 -19.06 27.60 -14.39
N THR B 214 -18.04 26.94 -14.94
CA THR B 214 -18.15 26.14 -16.16
C THR B 214 -17.44 24.82 -15.94
N PRO B 215 -17.99 23.96 -15.05
CA PRO B 215 -17.19 22.86 -14.52
C PRO B 215 -16.70 21.87 -15.57
N GLU B 216 -17.57 21.58 -16.53
CA GLU B 216 -17.16 20.63 -17.60
CA GLU B 216 -17.17 20.66 -17.64
C GLU B 216 -15.87 21.03 -18.44
N LYS B 217 -15.53 22.32 -18.32
CA LYS B 217 -14.33 22.84 -19.01
C LYS B 217 -13.08 22.80 -18.13
N ALA B 218 -13.21 22.44 -16.86
CA ALA B 218 -12.14 22.74 -15.88
C ALA B 218 -10.90 21.88 -16.12
N SER B 219 -11.08 20.62 -16.48
CA SER B 219 -9.96 19.70 -16.71
C SER B 219 -9.62 19.76 -18.21
N ARG B 220 -8.43 20.22 -18.54
CA ARG B 220 -8.12 20.68 -19.91
C ARG B 220 -6.63 20.50 -20.19
N ALA B 221 -6.18 19.26 -20.05
CA ALA B 221 -4.76 18.94 -20.25
C ALA B 221 -4.28 19.50 -21.59
N TYR B 222 -3.12 20.13 -21.58
CA TYR B 222 -2.46 20.72 -22.77
C TYR B 222 -3.06 22.04 -23.22
N ASP B 223 -4.18 22.46 -22.66
CA ASP B 223 -4.72 23.79 -23.01
C ASP B 223 -3.84 24.87 -22.39
N ALA B 224 -3.65 25.96 -23.12
CA ALA B 224 -2.80 27.06 -22.66
C ALA B 224 -3.29 27.64 -21.34
N LYS B 225 -4.58 27.53 -21.03
CA LYS B 225 -5.17 28.13 -19.82
C LYS B 225 -5.60 27.05 -18.82
N ARG B 226 -4.98 25.89 -18.85
CA ARG B 226 -5.11 24.91 -17.76
C ARG B 226 -4.64 25.54 -16.45
N ASP B 227 -5.21 25.08 -15.35
CA ASP B 227 -4.89 25.73 -14.06
C ASP B 227 -4.94 24.77 -12.89
N GLY B 228 -4.67 23.49 -13.12
CA GLY B 228 -4.64 22.51 -12.02
C GLY B 228 -5.56 21.35 -12.30
N PHE B 229 -5.40 20.29 -11.51
CA PHE B 229 -6.21 19.07 -11.79
C PHE B 229 -7.58 19.16 -11.12
N VAL B 230 -8.49 18.31 -11.56
CA VAL B 230 -9.85 18.23 -10.99
C VAL B 230 -9.92 16.88 -10.30
N ILE B 231 -10.16 16.90 -9.00
CA ILE B 231 -10.18 15.65 -8.23
C ILE B 231 -11.43 14.84 -8.53
N ALA B 232 -11.28 13.52 -8.43
CA ALA B 232 -12.40 12.58 -8.70
C ALA B 232 -12.31 11.37 -7.80
N GLY B 233 -13.40 10.60 -7.79
CA GLY B 233 -13.45 9.30 -7.11
C GLY B 233 -13.96 8.22 -8.00
N GLY B 234 -13.90 7.01 -7.52
CA GLY B 234 -14.46 5.86 -8.22
C GLY B 234 -13.62 4.62 -8.01
N GLY B 235 -13.85 3.62 -8.85
CA GLY B 235 -13.20 2.32 -8.70
C GLY B 235 -13.01 1.65 -10.03
N GLY B 236 -12.07 0.74 -10.05
CA GLY B 236 -11.86 -0.06 -11.28
C GLY B 236 -11.21 -1.37 -10.91
N MET B 237 -11.49 -2.40 -11.70
CA MET B 237 -10.87 -3.72 -11.45
C MET B 237 -10.71 -4.44 -12.78
N VAL B 238 -9.56 -5.07 -12.93
CA VAL B 238 -9.35 -5.92 -14.13
C VAL B 238 -8.95 -7.30 -13.66
N VAL B 239 -9.32 -8.31 -14.44
CA VAL B 239 -8.90 -9.69 -14.19
C VAL B 239 -7.62 -9.94 -14.97
N VAL B 240 -6.53 -10.13 -14.23
CA VAL B 240 -5.19 -10.39 -14.80
C VAL B 240 -5.00 -11.90 -14.71
N GLU B 241 -4.65 -12.53 -15.83
CA GLU B 241 -4.76 -14.00 -15.91
C GLU B 241 -3.64 -14.57 -16.77
N GLU B 242 -3.14 -15.71 -16.30
CA GLU B 242 -2.14 -16.45 -17.05
C GLU B 242 -2.77 -16.97 -18.37
N LEU B 243 -2.03 -16.87 -19.46
CA LEU B 243 -2.63 -17.13 -20.80
C LEU B 243 -3.14 -18.55 -20.96
N GLU B 244 -2.38 -19.57 -20.61
CA GLU B 244 -2.87 -20.95 -20.82
CA GLU B 244 -2.86 -20.95 -20.80
C GLU B 244 -4.14 -21.19 -19.99
N HIS B 245 -4.19 -20.68 -18.76
CA HIS B 245 -5.39 -20.80 -17.90
C HIS B 245 -6.59 -20.18 -18.64
N ALA B 246 -6.40 -18.97 -19.18
CA ALA B 246 -7.46 -18.23 -19.90
C ALA B 246 -7.92 -19.06 -21.10
N LEU B 247 -7.00 -19.55 -21.89
CA LEU B 247 -7.37 -20.30 -23.13
C LEU B 247 -8.12 -21.58 -22.73
N LYS B 248 -7.64 -22.30 -21.71
CA LYS B 248 -8.25 -23.60 -21.32
C LYS B 248 -9.70 -23.40 -20.88
N ARG B 249 -10.00 -22.25 -20.25
CA ARG B 249 -11.37 -22.04 -19.69
C ARG B 249 -12.24 -21.25 -20.68
N GLY B 250 -11.73 -20.99 -21.89
CA GLY B 250 -12.53 -20.28 -22.91
C GLY B 250 -12.81 -18.83 -22.55
N ALA B 251 -11.84 -18.21 -21.92
CA ALA B 251 -12.00 -16.81 -21.50
C ALA B 251 -12.14 -15.85 -22.68
N LYS B 252 -12.80 -14.72 -22.45
CA LYS B 252 -12.73 -13.64 -23.46
C LYS B 252 -11.40 -12.93 -23.12
N ILE B 253 -10.68 -12.44 -24.12
CA ILE B 253 -9.35 -11.83 -23.87
C ILE B 253 -9.32 -10.46 -24.54
N TYR B 254 -9.19 -9.42 -23.73
CA TYR B 254 -9.08 -8.03 -24.26
C TYR B 254 -7.70 -7.83 -24.88
N ALA B 255 -6.66 -8.10 -24.10
CA ALA B 255 -5.30 -7.67 -24.43
C ALA B 255 -4.30 -8.47 -23.62
N GLU B 256 -3.08 -8.51 -24.13
CA GLU B 256 -1.91 -9.03 -23.41
C GLU B 256 -1.20 -7.84 -22.76
N ILE B 257 -0.71 -8.03 -21.56
CA ILE B 257 0.18 -7.04 -20.92
C ILE B 257 1.58 -7.33 -21.45
N VAL B 258 2.11 -6.44 -22.27
CA VAL B 258 3.40 -6.69 -22.96
C VAL B 258 4.52 -5.82 -22.42
N GLY B 259 4.21 -4.82 -21.60
CA GLY B 259 5.28 -3.99 -21.01
C GLY B 259 4.81 -3.38 -19.71
N TYR B 260 5.73 -3.21 -18.79
CA TYR B 260 5.45 -2.59 -17.50
C TYR B 260 6.71 -1.94 -16.97
N GLY B 261 6.61 -0.66 -16.66
CA GLY B 261 7.68 0.11 -16.00
C GLY B 261 7.24 0.59 -14.65
N ALA B 262 8.19 0.64 -13.73
CA ALA B 262 7.96 1.20 -12.38
C ALA B 262 9.27 1.72 -11.83
N THR B 263 9.36 3.03 -11.66
CA THR B 263 10.63 3.68 -11.35
C THR B 263 10.36 4.72 -10.28
N SER B 264 11.43 5.36 -9.86
CA SER B 264 11.40 6.39 -8.83
C SER B 264 12.18 7.58 -9.35
N ASP B 265 11.66 8.78 -9.14
CA ASP B 265 12.42 10.01 -9.47
C ASP B 265 13.58 10.18 -8.53
N GLY B 266 13.37 9.94 -7.25
CA GLY B 266 14.38 10.21 -6.22
C GLY B 266 14.80 11.63 -6.33
N TYR B 267 13.82 12.57 -6.38
CA TYR B 267 14.21 13.98 -6.53
CA TYR B 267 14.08 14.01 -6.73
C TYR B 267 13.21 14.96 -5.89
N ASP B 268 12.03 15.23 -6.44
CA ASP B 268 11.00 16.20 -6.06
CA ASP B 268 11.09 16.19 -5.81
C ASP B 268 9.81 15.47 -5.40
N MET B 269 9.31 15.89 -4.26
CA MET B 269 8.12 15.31 -3.59
CA MET B 269 8.14 15.27 -3.63
C MET B 269 6.87 15.50 -4.48
N VAL B 270 6.78 16.64 -5.12
CA VAL B 270 5.53 17.03 -5.82
C VAL B 270 5.83 17.41 -7.28
N ALA B 271 6.93 18.11 -7.54
CA ALA B 271 7.22 18.69 -8.87
C ALA B 271 7.47 17.50 -9.78
N PRO B 272 7.06 17.66 -11.06
CA PRO B 272 7.24 16.62 -12.06
C PRO B 272 8.70 16.50 -12.50
N SER B 273 9.17 15.33 -12.89
CA SER B 273 10.64 15.10 -13.01
C SER B 273 11.14 15.14 -14.45
N GLY B 274 10.32 14.72 -15.42
CA GLY B 274 10.73 14.37 -16.79
C GLY B 274 11.59 13.09 -16.83
N GLU B 275 12.69 13.08 -16.08
CA GLU B 275 13.75 12.04 -16.17
C GLU B 275 13.22 10.70 -15.65
N GLY B 276 12.50 10.68 -14.53
CA GLY B 276 12.01 9.39 -14.00
C GLY B 276 11.01 8.78 -14.97
N ALA B 277 10.19 9.66 -15.59
CA ALA B 277 9.17 9.28 -16.58
C ALA B 277 9.84 8.68 -17.81
N ILE B 278 10.95 9.25 -18.26
CA ILE B 278 11.70 8.69 -19.41
C ILE B 278 12.10 7.28 -19.03
N ARG B 279 12.73 7.08 -17.87
CA ARG B 279 13.21 5.73 -17.51
C ARG B 279 12.03 4.76 -17.37
N CYS B 280 10.89 5.22 -16.84
CA CYS B 280 9.72 4.34 -16.65
C CYS B 280 9.16 3.91 -18.02
N MET B 281 9.03 4.86 -18.93
CA MET B 281 8.53 4.53 -20.28
C MET B 281 9.52 3.59 -20.97
N GLN B 282 10.81 3.86 -20.86
CA GLN B 282 11.81 2.98 -21.54
C GLN B 282 11.73 1.57 -20.96
N GLN B 283 11.58 1.43 -19.64
CA GLN B 283 11.49 0.09 -19.04
C GLN B 283 10.26 -0.64 -19.56
N ALA B 284 9.13 0.05 -19.67
CA ALA B 284 7.92 -0.59 -20.21
C ALA B 284 8.16 -1.01 -21.66
N LEU B 285 8.84 -0.18 -22.43
CA LEU B 285 8.94 -0.37 -23.88
C LEU B 285 10.03 -1.41 -24.21
N ALA B 286 10.91 -1.71 -23.26
CA ALA B 286 12.05 -2.63 -23.51
C ALA B 286 11.57 -4.02 -23.95
N THR B 287 10.36 -4.40 -23.56
CA THR B 287 9.79 -5.73 -23.85
C THR B 287 8.80 -5.68 -25.00
N VAL B 288 8.69 -4.56 -25.70
CA VAL B 288 7.66 -4.31 -26.71
C VAL B 288 8.34 -4.16 -28.06
N ASP B 289 7.96 -4.99 -29.02
CA ASP B 289 8.51 -4.84 -30.39
C ASP B 289 7.55 -4.09 -31.32
N ALA B 290 6.27 -4.09 -31.04
CA ALA B 290 5.26 -3.44 -31.90
C ALA B 290 5.34 -1.93 -31.72
N PRO B 291 4.98 -1.15 -32.76
CA PRO B 291 4.86 0.28 -32.60
C PRO B 291 3.72 0.62 -31.63
N ILE B 292 3.91 1.70 -30.87
CA ILE B 292 2.85 2.24 -30.02
C ILE B 292 1.88 3.03 -30.87
N ASP B 293 0.62 2.68 -30.81
CA ASP B 293 -0.44 3.34 -31.60
C ASP B 293 -1.06 4.52 -30.86
N TYR B 294 -1.03 4.51 -29.53
CA TYR B 294 -1.72 5.50 -28.69
C TYR B 294 -1.06 5.51 -27.32
N LEU B 295 -0.84 6.72 -26.81
CA LEU B 295 -0.38 6.97 -25.43
C LEU B 295 -1.43 7.77 -24.68
N ASN B 296 -1.93 7.16 -23.61
CA ASN B 296 -2.79 7.81 -22.61
C ASN B 296 -1.86 8.39 -21.54
N THR B 297 -1.62 9.69 -21.60
CA THR B 297 -0.67 10.31 -20.69
C THR B 297 -1.25 10.35 -19.28
N HIS B 298 -0.37 10.69 -18.35
CA HIS B 298 -0.80 11.05 -16.99
C HIS B 298 -1.64 12.33 -17.05
N GLY B 299 -1.10 13.34 -17.72
CA GLY B 299 -1.85 14.50 -18.24
C GLY B 299 -2.92 15.02 -17.30
N THR B 300 -2.51 15.56 -16.16
CA THR B 300 -3.48 15.98 -15.14
C THR B 300 -4.05 17.38 -15.29
N SER B 301 -3.62 18.13 -16.28
CA SER B 301 -4.11 19.52 -16.49
C SER B 301 -3.40 20.50 -15.55
N THR B 302 -2.14 20.23 -15.26
CA THR B 302 -1.30 21.12 -14.47
C THR B 302 -0.36 21.85 -15.42
N PRO B 303 -0.05 23.12 -15.13
CA PRO B 303 0.92 23.86 -15.94
C PRO B 303 2.25 23.14 -16.14
N VAL B 304 2.92 22.78 -15.06
CA VAL B 304 4.27 22.18 -15.15
C VAL B 304 4.18 20.71 -15.52
N GLY B 305 3.27 19.96 -14.92
CA GLY B 305 3.23 18.52 -15.11
C GLY B 305 2.95 18.15 -16.55
N ASP B 306 1.99 18.81 -17.18
CA ASP B 306 1.63 18.39 -18.54
C ASP B 306 2.87 18.50 -19.42
N VAL B 307 3.60 19.60 -19.31
CA VAL B 307 4.78 19.85 -20.17
C VAL B 307 5.93 18.93 -19.78
N ALA B 308 6.17 18.71 -18.48
CA ALA B 308 7.31 17.85 -18.07
C ALA B 308 7.13 16.46 -18.67
N GLU B 309 5.93 15.92 -18.62
CA GLU B 309 5.68 14.57 -19.18
C GLU B 309 5.88 14.60 -20.69
N ILE B 310 5.38 15.63 -21.38
CA ILE B 310 5.58 15.72 -22.84
C ILE B 310 7.06 15.86 -23.19
N ARG B 311 7.86 16.55 -22.38
CA ARG B 311 9.32 16.58 -22.62
C ARG B 311 9.85 15.15 -22.60
N GLY B 312 9.42 14.35 -21.63
CA GLY B 312 9.84 12.95 -21.56
C GLY B 312 9.40 12.15 -22.77
N VAL B 313 8.13 12.33 -23.18
CA VAL B 313 7.60 11.61 -24.37
C VAL B 313 8.47 11.99 -25.58
N ARG B 314 8.81 13.27 -25.75
CA ARG B 314 9.60 13.72 -26.92
C ARG B 314 10.96 13.01 -26.87
N GLU B 315 11.57 12.89 -25.70
CA GLU B 315 12.90 12.26 -25.55
C GLU B 315 12.80 10.75 -25.88
N VAL B 316 11.74 10.08 -25.45
CA VAL B 316 11.56 8.62 -25.68
C VAL B 316 11.28 8.35 -27.16
N PHE B 317 10.38 9.11 -27.78
CA PHE B 317 9.83 8.74 -29.11
C PHE B 317 10.38 9.59 -30.24
N GLY B 318 10.86 10.80 -29.96
CA GLY B 318 11.25 11.71 -31.06
C GLY B 318 10.16 11.93 -32.09
N ASP B 319 10.54 11.81 -33.37
CA ASP B 319 9.63 12.07 -34.52
C ASP B 319 8.60 10.94 -34.71
N LYS B 320 8.69 9.86 -33.93
CA LYS B 320 7.75 8.71 -34.00
C LYS B 320 6.84 8.65 -32.79
N ALA B 321 6.50 9.81 -32.22
CA ALA B 321 5.54 9.82 -31.09
C ALA B 321 4.20 9.29 -31.57
N PRO B 322 3.53 8.50 -30.72
CA PRO B 322 2.18 8.03 -31.02
C PRO B 322 1.16 9.15 -30.83
N ALA B 323 -0.03 8.96 -31.35
CA ALA B 323 -1.20 9.76 -30.98
C ALA B 323 -1.28 9.82 -29.46
N ILE B 324 -1.55 11.00 -28.92
CA ILE B 324 -1.61 11.26 -27.47
C ILE B 324 -2.95 11.87 -27.11
N SER B 325 -3.51 11.44 -26.00
CA SER B 325 -4.55 12.22 -25.34
C SER B 325 -4.47 11.95 -23.83
N SER B 326 -4.95 12.91 -23.08
CA SER B 326 -5.27 12.71 -21.67
C SER B 326 -6.76 12.56 -21.55
N THR B 327 -7.21 11.45 -20.98
CA THR B 327 -8.63 11.29 -20.64
C THR B 327 -8.99 11.96 -19.34
N LYS B 328 -8.03 12.51 -18.60
CA LYS B 328 -8.37 13.26 -17.39
C LYS B 328 -9.12 14.52 -17.71
N SER B 329 -9.05 15.06 -18.92
CA SER B 329 -9.88 16.22 -19.30
C SER B 329 -11.37 15.85 -19.24
N LEU B 330 -11.69 14.58 -19.41
CA LEU B 330 -13.07 14.08 -19.27
C LEU B 330 -13.35 13.62 -17.84
N SER B 331 -12.43 12.85 -17.26
CA SER B 331 -12.72 12.07 -16.04
C SER B 331 -12.27 12.78 -14.76
N GLY B 332 -11.34 13.71 -14.91
CA GLY B 332 -10.69 14.22 -13.69
C GLY B 332 -9.66 13.21 -13.20
N HIS B 333 -9.11 13.45 -12.02
CA HIS B 333 -8.02 12.62 -11.46
C HIS B 333 -8.54 11.79 -10.30
N SER B 334 -8.70 10.48 -10.52
CA SER B 334 -9.28 9.59 -9.47
C SER B 334 -8.19 9.04 -8.54
N LEU B 335 -6.96 9.54 -8.63
CA LEU B 335 -5.93 9.28 -7.58
C LEU B 335 -5.65 7.78 -7.57
N GLY B 336 -5.95 7.06 -6.50
CA GLY B 336 -5.68 5.63 -6.44
C GLY B 336 -6.35 4.84 -7.52
N ALA B 337 -7.46 5.31 -8.07
CA ALA B 337 -8.18 4.62 -9.16
C ALA B 337 -7.71 5.06 -10.53
N ALA B 338 -6.80 6.02 -10.64
CA ALA B 338 -6.50 6.57 -11.96
C ALA B 338 -5.85 5.53 -12.88
N GLY B 339 -4.94 4.73 -12.34
CA GLY B 339 -4.19 3.78 -13.16
C GLY B 339 -5.11 2.74 -13.79
N VAL B 340 -5.98 2.14 -13.00
CA VAL B 340 -6.88 1.11 -13.52
C VAL B 340 -7.96 1.77 -14.37
N HIS B 341 -8.46 2.94 -14.00
CA HIS B 341 -9.41 3.64 -14.88
C HIS B 341 -8.80 3.82 -16.26
N GLU B 342 -7.58 4.32 -16.33
CA GLU B 342 -6.99 4.61 -17.64
C GLU B 342 -6.62 3.33 -18.37
N ALA B 343 -6.21 2.29 -17.69
CA ALA B 343 -6.02 1.00 -18.37
C ALA B 343 -7.34 0.56 -19.00
N ILE B 344 -8.43 0.68 -18.27
CA ILE B 344 -9.76 0.32 -18.79
C ILE B 344 -10.11 1.23 -19.95
N TYR B 345 -9.91 2.52 -19.87
CA TYR B 345 -10.24 3.39 -21.02
C TYR B 345 -9.47 2.93 -22.26
N CYS B 346 -8.18 2.61 -22.10
CA CYS B 346 -7.37 2.11 -23.22
C CYS B 346 -7.93 0.78 -23.76
N LEU B 347 -8.34 -0.13 -22.88
CA LEU B 347 -8.94 -1.40 -23.36
C LEU B 347 -10.19 -1.08 -24.17
N LEU B 348 -11.03 -0.16 -23.67
CA LEU B 348 -12.29 0.16 -24.37
C LEU B 348 -12.00 0.83 -25.72
N MET B 349 -10.98 1.66 -25.81
CA MET B 349 -10.56 2.25 -27.10
C MET B 349 -10.13 1.17 -28.07
N MET B 350 -9.39 0.18 -27.63
CA MET B 350 -9.00 -0.91 -28.54
C MET B 350 -10.21 -1.73 -28.96
N GLU B 351 -11.14 -2.02 -28.05
CA GLU B 351 -12.36 -2.78 -28.42
C GLU B 351 -13.20 -1.99 -29.44
N GLY B 352 -13.27 -0.67 -29.27
CA GLY B 352 -14.16 0.16 -30.09
C GLY B 352 -13.48 0.70 -31.33
N GLY B 353 -12.18 0.52 -31.49
CA GLY B 353 -11.44 1.08 -32.63
C GLY B 353 -11.49 2.59 -32.69
N PHE B 354 -11.29 3.25 -31.56
CA PHE B 354 -11.24 4.73 -31.55
C PHE B 354 -10.21 5.20 -30.55
N ILE B 355 -9.71 6.39 -30.79
CA ILE B 355 -8.86 7.10 -29.82
C ILE B 355 -9.67 8.26 -29.27
N ALA B 356 -9.85 8.29 -27.95
CA ALA B 356 -10.56 9.43 -27.31
C ALA B 356 -9.77 10.71 -27.54
N GLY B 357 -10.45 11.77 -27.96
CA GLY B 357 -9.86 13.10 -28.04
C GLY B 357 -9.47 13.63 -26.68
N SER B 358 -8.47 14.47 -26.68
CA SER B 358 -7.98 15.22 -25.52
C SER B 358 -8.85 16.48 -25.42
N ALA B 359 -9.81 16.49 -24.50
CA ALA B 359 -10.90 17.48 -24.49
C ALA B 359 -10.44 18.85 -23.95
N ASN B 360 -11.26 19.83 -24.25
CA ASN B 360 -11.22 21.18 -23.66
C ASN B 360 -9.96 21.95 -24.07
N ILE B 361 -9.39 21.65 -25.24
CA ILE B 361 -8.23 22.39 -25.74
C ILE B 361 -8.74 23.50 -26.67
N ASP B 362 -8.85 24.69 -26.12
CA ASP B 362 -9.17 25.87 -26.95
C ASP B 362 -7.92 26.40 -27.64
N GLU B 363 -6.77 26.25 -27.00
CA GLU B 363 -5.47 26.71 -27.55
C GLU B 363 -4.43 25.71 -27.08
N LEU B 364 -3.84 24.97 -28.00
CA LEU B 364 -2.80 23.99 -27.60
C LEU B 364 -1.56 24.75 -27.11
N ASP B 365 -1.05 24.37 -25.95
CA ASP B 365 0.10 25.07 -25.36
C ASP B 365 1.26 24.98 -26.35
N PRO B 366 1.91 26.10 -26.74
CA PRO B 366 3.03 26.02 -27.67
C PRO B 366 4.16 25.07 -27.24
N GLU B 367 4.32 24.82 -25.94
CA GLU B 367 5.42 23.96 -25.44
C GLU B 367 5.15 22.48 -25.73
N VAL B 368 3.93 22.11 -26.16
CA VAL B 368 3.62 20.70 -26.51
C VAL B 368 3.12 20.58 -27.96
N ALA B 369 3.06 21.68 -28.72
CA ALA B 369 2.31 21.70 -29.99
C ALA B 369 2.96 20.88 -31.13
N ASP B 370 4.22 20.47 -30.97
CA ASP B 370 4.94 19.62 -31.96
C ASP B 370 4.56 18.14 -31.78
N LEU B 371 3.89 17.78 -30.68
CA LEU B 371 3.47 16.37 -30.43
C LEU B 371 2.10 16.13 -31.04
N PRO B 372 1.81 14.88 -31.42
CA PRO B 372 0.52 14.55 -32.03
C PRO B 372 -0.59 14.35 -31.00
N ILE B 373 -0.89 15.45 -30.31
CA ILE B 373 -2.00 15.50 -29.35
C ILE B 373 -3.30 15.58 -30.14
N LEU B 374 -4.14 14.56 -29.92
CA LEU B 374 -5.41 14.52 -30.66
C LEU B 374 -6.43 15.34 -29.91
N ARG B 375 -6.98 16.36 -30.55
CA ARG B 375 -7.94 17.29 -29.90
C ARG B 375 -9.36 16.83 -30.16
N GLU B 376 -9.52 15.83 -31.03
CA GLU B 376 -10.85 15.27 -31.35
C GLU B 376 -10.71 13.75 -31.40
N THR B 377 -11.82 13.05 -31.18
CA THR B 377 -11.80 11.57 -31.27
C THR B 377 -11.45 11.10 -32.67
N ARG B 378 -10.52 10.18 -32.79
CA ARG B 378 -10.21 9.52 -34.08
C ARG B 378 -11.03 8.24 -34.14
N GLU B 379 -11.96 8.15 -35.07
CA GLU B 379 -12.76 6.91 -35.24
C GLU B 379 -12.06 6.04 -36.28
N ASN B 380 -12.45 4.77 -36.33
CA ASN B 380 -11.87 3.80 -37.30
C ASN B 380 -10.36 3.80 -37.14
N ALA B 381 -9.89 3.85 -35.90
CA ALA B 381 -8.47 3.83 -35.55
C ALA B 381 -8.04 2.37 -35.43
N LYS B 382 -6.94 2.04 -36.04
CA LYS B 382 -6.38 0.67 -36.00
C LYS B 382 -5.48 0.58 -34.76
N LEU B 383 -6.09 0.31 -33.63
CA LEU B 383 -5.34 0.35 -32.36
C LEU B 383 -4.99 -1.07 -31.98
N ASP B 384 -3.71 -1.40 -32.05
CA ASP B 384 -3.24 -2.71 -31.62
C ASP B 384 -2.40 -2.63 -30.34
N THR B 385 -1.62 -1.58 -30.15
CA THR B 385 -0.71 -1.51 -29.00
C THR B 385 -0.86 -0.13 -28.39
N VAL B 386 -1.21 -0.12 -27.11
CA VAL B 386 -1.48 1.17 -26.41
C VAL B 386 -0.66 1.23 -25.15
N MET B 387 -0.43 2.45 -24.70
CA MET B 387 0.43 2.67 -23.53
C MET B 387 -0.28 3.67 -22.61
N SER B 388 -0.12 3.49 -21.30
CA SER B 388 -0.70 4.44 -20.34
C SER B 388 0.31 4.79 -19.24
N ASN B 389 0.47 6.09 -19.00
CA ASN B 389 1.36 6.56 -17.92
C ASN B 389 0.56 6.95 -16.68
N SER B 390 1.15 6.71 -15.52
CA SER B 390 0.58 7.14 -14.23
C SER B 390 1.75 7.56 -13.34
N PHE B 391 1.81 8.83 -12.98
CA PHE B 391 2.97 9.36 -12.22
C PHE B 391 2.47 10.04 -10.96
N GLY B 392 2.94 9.67 -9.81
CA GLY B 392 2.40 10.18 -8.54
C GLY B 392 3.38 11.01 -7.71
N PHE B 393 2.81 11.69 -6.72
CA PHE B 393 3.64 12.37 -5.69
C PHE B 393 4.61 11.35 -5.07
N GLY B 394 5.73 11.87 -4.58
CA GLY B 394 6.80 11.02 -4.07
C GLY B 394 7.66 10.45 -5.16
N GLY B 395 7.51 10.93 -6.39
CA GLY B 395 8.37 10.49 -7.52
C GLY B 395 8.10 9.04 -7.90
N THR B 396 6.85 8.63 -7.80
CA THR B 396 6.49 7.22 -8.14
C THR B 396 5.96 7.20 -9.57
N ASN B 397 6.43 6.23 -10.35
CA ASN B 397 6.06 6.18 -11.79
C ASN B 397 5.64 4.77 -12.19
N ALA B 398 4.60 4.70 -13.00
CA ALA B 398 4.17 3.45 -13.64
C ALA B 398 3.82 3.72 -15.09
N THR B 399 4.17 2.74 -15.92
CA THR B 399 3.73 2.71 -17.33
C THR B 399 3.30 1.28 -17.66
N LEU B 400 2.17 1.15 -18.31
CA LEU B 400 1.65 -0.13 -18.81
C LEU B 400 1.57 -0.07 -20.34
N VAL B 401 1.87 -1.22 -20.96
CA VAL B 401 1.71 -1.36 -22.43
C VAL B 401 0.85 -2.60 -22.64
N LEU B 402 -0.26 -2.42 -23.36
CA LEU B 402 -1.29 -3.42 -23.59
C LEU B 402 -1.40 -3.65 -25.09
N LYS B 403 -1.42 -4.92 -25.50
CA LYS B 403 -1.54 -5.27 -26.92
C LYS B 403 -2.83 -6.03 -27.16
N ARG B 404 -3.66 -5.50 -28.05
CA ARG B 404 -4.99 -6.07 -28.36
C ARG B 404 -4.84 -7.53 -28.70
N TRP B 405 -5.72 -8.34 -28.18
CA TRP B 405 -5.77 -9.77 -28.51
C TRP B 405 -6.71 -9.96 -29.69
N GLN B 406 -6.22 -10.47 -30.80
CA GLN B 406 -7.11 -10.65 -31.99
C GLN B 406 -7.84 -12.00 -31.93
#